data_8JEP
#
_entry.id   8JEP
#
_cell.length_a   63.500
_cell.length_b   112.300
_cell.length_c   159.880
_cell.angle_alpha   90.00
_cell.angle_beta   90.00
_cell.angle_gamma   90.00
#
_symmetry.space_group_name_H-M   'P 21 21 21'
#
loop_
_entity.id
_entity.type
_entity.pdbx_description
1 polymer 'antibody heavy chain'
2 polymer 'antibody light chain'
3 water water
#
loop_
_entity_poly.entity_id
_entity_poly.type
_entity_poly.pdbx_seq_one_letter_code
_entity_poly.pdbx_strand_id
1 'polypeptide(L)'
;EVQLVESGGGLVQPGGSLRLSCAASGFTFSDYYMYWVRQAPGKGLEWVAYITKGGGSTYYPDSVKGRFTISRDNAKNTLY
LQMNSLRAEDTAVYYCARQTNYDFTMDYWGQGTLVTVSSASTKGPSVFPLAPSSKSTSGGTAALGCLVKDYFPEPVTVSW
NSGALTSGVHTFPAVLQSSGLYSLSSVVTVPSSSLGTQTYICNVNHKPSNTKVDKKVEPKSCHHHHHH
;
A,C
2 'polypeptide(L)'
;EIVMTQSPATLSVSPGERATLSCKASQDVGTSVAWYQQKPGQAPRLLIYWASARHTGIPARFSGSGSGTEFTLTISSLQS
EDFAVYYCQQYSSYPLTFGGGTKVEIKRTVAAPSVFIFPPSDEQLKSGTASVVCLLNNFYPREAKVQWKVDNALQSGNSQ
ESVTEQDSKDSTYSLSSTLTLSKADYEKHKVYACEVTHQGLSSPVTKSFNRGEC
;
B,D
#
# COMPACT_ATOMS: atom_id res chain seq x y z
N GLU A 1 -1.91 6.56 18.71
CA GLU A 1 -1.36 7.26 17.57
C GLU A 1 -0.85 8.65 17.96
N VAL A 2 0.33 9.01 17.43
CA VAL A 2 0.81 10.38 17.57
C VAL A 2 -0.06 11.29 16.70
N GLN A 3 -0.43 12.45 17.24
CA GLN A 3 -1.22 13.40 16.48
C GLN A 3 -0.85 14.82 16.87
N LEU A 4 -0.76 15.69 15.86
CA LEU A 4 -0.54 17.12 16.04
C LEU A 4 -1.61 17.85 15.25
N VAL A 5 -2.33 18.76 15.91
CA VAL A 5 -3.46 19.47 15.31
C VAL A 5 -3.21 20.97 15.44
N GLU A 6 -2.99 21.64 14.31
CA GLU A 6 -2.80 23.08 14.33
C GLU A 6 -4.14 23.79 14.19
N SER A 7 -4.19 24.99 14.73
CA SER A 7 -5.38 25.83 14.66
C SER A 7 -4.94 27.28 14.78
N GLY A 8 -5.85 28.20 14.45
CA GLY A 8 -5.63 29.62 14.60
C GLY A 8 -5.31 30.37 13.33
N GLY A 9 -5.06 29.69 12.22
CA GLY A 9 -4.74 30.39 10.99
C GLY A 9 -5.95 31.09 10.38
N GLY A 10 -5.71 32.23 9.77
CA GLY A 10 -6.78 33.00 9.17
C GLY A 10 -6.25 34.22 8.45
N LEU A 11 -7.17 35.10 8.07
CA LEU A 11 -6.84 36.28 7.30
C LEU A 11 -6.54 37.45 8.24
N VAL A 12 -5.44 38.15 7.99
CA VAL A 12 -5.01 39.25 8.85
C VAL A 12 -4.44 40.37 7.98
N GLN A 13 -4.64 41.61 8.44
CA GLN A 13 -4.13 42.79 7.75
C GLN A 13 -2.61 42.77 7.76
N PRO A 14 -1.96 43.30 6.73
CA PRO A 14 -0.51 43.55 6.83
C PRO A 14 -0.23 44.45 8.03
N GLY A 15 0.72 44.04 8.85
CA GLY A 15 1.04 44.71 10.09
C GLY A 15 0.39 44.12 11.32
N GLY A 16 -0.57 43.21 11.15
CA GLY A 16 -1.32 42.66 12.26
C GLY A 16 -0.63 41.49 12.95
N SER A 17 -1.37 40.89 13.87
CA SER A 17 -0.86 39.81 14.71
C SER A 17 -1.80 38.62 14.66
N LEU A 18 -1.22 37.43 14.84
CA LEU A 18 -1.98 36.19 14.91
C LEU A 18 -1.23 35.20 15.78
N ARG A 19 -1.98 34.38 16.51
CA ARG A 19 -1.41 33.34 17.37
C ARG A 19 -1.91 31.98 16.92
N LEU A 20 -0.98 31.11 16.56
CA LEU A 20 -1.28 29.73 16.18
C LEU A 20 -1.07 28.80 17.36
N SER A 21 -1.82 27.70 17.37
CA SER A 21 -1.74 26.70 18.43
C SER A 21 -1.65 25.31 17.80
N CYS A 22 -1.04 24.39 18.55
CA CYS A 22 -0.86 23.03 18.09
C CYS A 22 -1.12 22.08 19.25
N ALA A 23 -2.13 21.22 19.10
CA ALA A 23 -2.49 20.27 20.15
C ALA A 23 -1.80 18.94 19.86
N ALA A 24 -1.03 18.46 20.84
CA ALA A 24 -0.29 17.22 20.72
C ALA A 24 -0.94 16.14 21.58
N SER A 25 -0.90 14.90 21.08
CA SER A 25 -1.52 13.79 21.79
C SER A 25 -0.89 12.50 21.30
N GLY A 26 -0.99 11.45 22.13
CA GLY A 26 -0.47 10.15 21.79
C GLY A 26 1.00 9.96 22.09
N PHE A 27 1.66 10.94 22.69
CA PHE A 27 3.04 10.83 23.13
C PHE A 27 3.24 11.80 24.27
N THR A 28 4.33 11.63 25.02
CA THR A 28 4.60 12.51 26.15
C THR A 28 5.23 13.80 25.64
N PHE A 29 4.44 14.87 25.65
CA PHE A 29 4.79 16.12 24.98
C PHE A 29 6.11 16.68 25.48
N SER A 30 6.28 16.75 26.81
CA SER A 30 7.46 17.38 27.39
C SER A 30 8.75 16.64 27.09
N ASP A 31 8.69 15.48 26.44
CA ASP A 31 9.89 14.74 26.08
C ASP A 31 10.50 15.19 24.76
N TYR A 32 9.84 16.06 24.01
CA TYR A 32 10.20 16.30 22.62
C TYR A 32 10.45 17.77 22.32
N TYR A 33 11.50 18.02 21.54
CA TYR A 33 11.75 19.33 20.95
C TYR A 33 10.79 19.51 19.78
N MET A 34 10.37 20.76 19.54
CA MET A 34 9.29 21.02 18.58
C MET A 34 9.63 22.15 17.60
N TYR A 35 8.99 22.08 16.43
CA TYR A 35 9.22 23.01 15.32
C TYR A 35 7.91 23.63 14.87
N TRP A 36 7.99 24.85 14.32
CA TRP A 36 7.03 25.36 13.36
C TRP A 36 7.74 25.48 12.01
N VAL A 37 7.13 24.91 10.97
CA VAL A 37 7.64 24.96 9.60
C VAL A 37 6.51 25.48 8.72
N ARG A 38 6.84 26.37 7.79
CA ARG A 38 5.80 26.96 6.96
C ARG A 38 6.07 26.70 5.48
N GLN A 39 5.00 26.79 4.68
CA GLN A 39 5.13 26.55 3.24
C GLN A 39 4.23 27.53 2.51
N ALA A 40 4.84 28.49 1.82
CA ALA A 40 4.09 29.44 1.01
C ALA A 40 3.43 28.70 -0.14
N PRO A 41 2.30 29.21 -0.66
CA PRO A 41 1.59 28.48 -1.73
C PRO A 41 2.52 28.23 -2.92
N GLY A 42 2.57 26.96 -3.35
CA GLY A 42 3.43 26.55 -4.43
C GLY A 42 4.93 26.58 -4.17
N LYS A 43 5.36 26.76 -2.94
CA LYS A 43 6.78 26.91 -2.63
C LYS A 43 7.27 25.77 -1.73
N GLY A 44 8.50 25.90 -1.24
CA GLY A 44 9.16 24.87 -0.46
C GLY A 44 8.91 25.01 1.03
N LEU A 45 9.72 24.30 1.81
CA LEU A 45 9.59 24.25 3.26
C LEU A 45 10.58 25.21 3.92
N GLU A 46 10.12 25.93 4.95
CA GLU A 46 10.96 26.84 5.71
C GLU A 46 10.64 26.68 7.19
N TRP A 47 11.59 26.21 8.00
CA TRP A 47 11.33 26.20 9.43
C TRP A 47 11.36 27.64 9.93
N VAL A 48 10.49 27.95 10.89
CA VAL A 48 10.43 29.34 11.35
C VAL A 48 10.56 29.48 12.85
N ALA A 49 10.45 28.38 13.60
CA ALA A 49 10.64 28.49 15.05
C ALA A 49 10.94 27.13 15.68
N TYR A 50 11.76 27.16 16.73
CA TYR A 50 12.22 25.94 17.41
C TYR A 50 12.26 26.19 18.91
N ILE A 51 11.82 25.20 19.69
CA ILE A 51 11.79 25.34 21.14
C ILE A 51 12.28 24.05 21.80
N THR A 52 12.97 24.21 22.94
CA THR A 52 13.47 23.08 23.69
C THR A 52 12.36 22.39 24.47
N LYS A 53 12.70 21.24 25.07
CA LYS A 53 11.71 20.42 25.77
C LYS A 53 11.00 21.21 26.86
N GLY A 54 11.76 21.76 27.81
CA GLY A 54 11.16 22.53 28.88
C GLY A 54 10.77 23.94 28.51
N GLY A 55 11.01 24.34 27.27
CA GLY A 55 10.71 25.70 26.83
C GLY A 55 11.76 26.72 27.16
N GLY A 56 12.93 26.29 27.64
CA GLY A 56 13.91 27.21 28.18
C GLY A 56 14.57 28.10 27.15
N SER A 57 14.61 27.66 25.89
CA SER A 57 15.27 28.46 24.86
C SER A 57 14.55 28.30 23.54
N THR A 58 14.68 29.32 22.69
CA THR A 58 13.95 29.42 21.43
C THR A 58 14.90 29.93 20.35
N TYR A 59 14.64 29.53 19.11
CA TYR A 59 15.50 29.87 17.99
C TYR A 59 14.64 30.13 16.77
N TYR A 60 15.06 31.08 15.93
CA TYR A 60 14.31 31.53 14.76
C TYR A 60 15.30 31.90 13.66
N PRO A 61 14.90 31.74 12.41
CA PRO A 61 15.69 32.27 11.29
C PRO A 61 15.57 33.78 11.20
N ASP A 62 16.41 34.37 10.35
CA ASP A 62 16.43 35.83 10.20
C ASP A 62 15.14 36.35 9.60
N SER A 63 14.56 35.60 8.64
CA SER A 63 13.34 36.05 7.97
C SER A 63 12.21 36.38 8.94
N VAL A 64 12.34 36.00 10.21
CA VAL A 64 11.22 35.93 11.13
C VAL A 64 11.60 36.45 12.51
N LYS A 65 12.90 36.41 12.85
CA LYS A 65 13.32 36.79 14.19
C LYS A 65 12.95 38.24 14.49
N GLY A 66 12.53 38.48 15.74
CA GLY A 66 11.99 39.76 16.15
C GLY A 66 10.49 39.89 15.99
N ARG A 67 9.85 38.97 15.28
CA ARG A 67 8.42 39.05 15.02
C ARG A 67 7.65 37.83 15.50
N PHE A 68 8.25 36.64 15.50
CA PHE A 68 7.57 35.43 15.91
C PHE A 68 8.08 34.99 17.28
N THR A 69 7.18 34.41 18.07
CA THR A 69 7.54 33.87 19.38
C THR A 69 6.96 32.46 19.50
N ILE A 70 7.84 31.47 19.62
CA ILE A 70 7.40 30.11 19.87
C ILE A 70 7.42 29.85 21.37
N SER A 71 6.42 29.13 21.86
CA SER A 71 6.29 28.84 23.27
C SER A 71 5.52 27.53 23.41
N ARG A 72 5.50 27.00 24.63
CA ARG A 72 4.83 25.73 24.86
C ARG A 72 4.31 25.67 26.30
N ASP A 73 3.37 24.74 26.50
CA ASP A 73 2.75 24.50 27.81
C ASP A 73 2.70 22.97 27.93
N ASN A 74 3.69 22.40 28.60
CA ASN A 74 3.81 20.96 28.70
C ASN A 74 2.72 20.35 29.56
N ALA A 75 2.10 21.12 30.46
CA ALA A 75 1.06 20.57 31.30
C ALA A 75 -0.23 20.33 30.52
N LYS A 76 -0.50 21.11 29.45
CA LYS A 76 -1.74 20.99 28.69
C LYS A 76 -1.54 20.63 27.23
N ASN A 77 -0.38 20.09 26.87
CA ASN A 77 -0.14 19.48 25.55
C ASN A 77 -0.27 20.48 24.39
N THR A 78 0.44 21.61 24.49
CA THR A 78 0.20 22.63 23.47
C THR A 78 1.46 23.42 23.12
N LEU A 79 1.65 23.61 21.82
CA LEU A 79 2.67 24.47 21.23
C LEU A 79 2.02 25.72 20.66
N TYR A 80 2.72 26.85 20.74
CA TYR A 80 2.19 28.12 20.27
C TYR A 80 3.17 28.82 19.35
N LEU A 81 2.63 29.63 18.45
CA LEU A 81 3.42 30.55 17.63
C LEU A 81 2.72 31.90 17.62
N GLN A 82 3.33 32.90 18.25
CA GLN A 82 2.83 34.27 18.20
C GLN A 82 3.51 35.00 17.05
N MET A 83 2.72 35.55 16.13
CA MET A 83 3.24 36.20 14.93
C MET A 83 2.82 37.66 14.93
N ASN A 84 3.80 38.57 14.95
CA ASN A 84 3.52 39.99 14.97
C ASN A 84 4.08 40.65 13.71
N SER A 85 3.61 41.87 13.45
CA SER A 85 4.08 42.68 12.33
C SER A 85 4.09 41.88 11.04
N LEU A 86 2.94 41.28 10.73
CA LEU A 86 2.89 40.32 9.64
C LEU A 86 3.02 41.03 8.29
N ARG A 87 3.66 40.35 7.34
CA ARG A 87 3.87 40.86 6.00
C ARG A 87 3.22 39.90 5.02
N ALA A 88 3.02 40.39 3.79
CA ALA A 88 2.37 39.58 2.77
C ALA A 88 3.12 38.27 2.55
N GLU A 89 4.45 38.29 2.64
CA GLU A 89 5.25 37.11 2.39
C GLU A 89 5.25 36.13 3.55
N ASP A 90 4.57 36.44 4.66
CA ASP A 90 4.30 35.44 5.69
C ASP A 90 3.09 34.57 5.35
N THR A 91 2.41 34.86 4.23
CA THR A 91 1.29 34.03 3.80
C THR A 91 1.77 32.63 3.47
N ALA A 92 1.23 31.63 4.16
CA ALA A 92 1.72 30.27 4.05
C ALA A 92 0.84 29.35 4.87
N VAL A 93 0.97 28.06 4.60
CA VAL A 93 0.50 27.01 5.49
C VAL A 93 1.56 26.81 6.56
N TYR A 94 1.16 26.82 7.83
CA TYR A 94 2.09 26.67 8.94
C TYR A 94 1.91 25.31 9.59
N TYR A 95 2.99 24.54 9.67
CA TYR A 95 2.99 23.19 10.21
C TYR A 95 3.64 23.15 11.57
N CYS A 96 3.03 22.39 12.48
CA CYS A 96 3.63 21.99 13.74
C CYS A 96 4.36 20.67 13.49
N ALA A 97 5.60 20.56 13.97
CA ALA A 97 6.40 19.39 13.65
C ALA A 97 7.19 18.98 14.87
N ARG A 98 7.20 17.68 15.14
CA ARG A 98 7.94 17.11 16.26
C ARG A 98 9.35 16.71 15.80
N GLN A 99 10.35 17.00 16.62
CA GLN A 99 11.70 16.56 16.28
C GLN A 99 11.92 15.12 16.74
N THR A 100 12.49 14.31 15.86
CA THR A 100 12.77 12.92 16.16
C THR A 100 13.62 12.84 17.42
N ASN A 101 13.25 11.93 18.32
CA ASN A 101 14.01 11.70 19.54
C ASN A 101 15.45 11.32 19.21
N TYR A 102 16.40 11.98 19.87
CA TYR A 102 17.83 11.78 19.66
C TYR A 102 18.27 12.05 18.22
N ASP A 103 17.55 12.90 17.49
CA ASP A 103 17.98 13.29 16.15
C ASP A 103 17.45 14.69 15.85
N PHE A 104 17.70 15.16 14.63
CA PHE A 104 17.35 16.51 14.23
C PHE A 104 16.33 16.54 13.10
N THR A 105 15.78 15.39 12.74
CA THR A 105 14.77 15.28 11.71
C THR A 105 13.39 15.53 12.30
N MET A 106 12.39 15.65 11.42
CA MET A 106 11.01 15.89 11.84
C MET A 106 10.18 14.66 11.50
N ASP A 107 9.78 13.90 12.52
CA ASP A 107 9.18 12.59 12.26
C ASP A 107 7.66 12.60 12.28
N TYR A 108 7.03 13.66 12.80
CA TYR A 108 5.59 13.80 12.74
C TYR A 108 5.25 15.26 12.48
N TRP A 109 4.23 15.48 11.64
CA TRP A 109 3.78 16.81 11.25
C TRP A 109 2.26 16.89 11.41
N GLY A 110 1.78 18.08 11.75
CA GLY A 110 0.36 18.33 11.71
C GLY A 110 -0.10 18.51 10.28
N GLN A 111 -1.41 18.75 10.13
CA GLN A 111 -1.97 18.94 8.80
C GLN A 111 -1.79 20.37 8.29
N GLY A 112 -1.40 21.29 9.14
CA GLY A 112 -1.12 22.66 8.75
C GLY A 112 -2.35 23.56 8.89
N THR A 113 -2.07 24.85 9.09
CA THR A 113 -3.11 25.88 9.15
C THR A 113 -2.68 27.05 8.28
N LEU A 114 -3.61 27.55 7.47
CA LEU A 114 -3.29 28.58 6.48
C LEU A 114 -3.37 29.97 7.07
N VAL A 115 -2.32 30.76 6.89
CA VAL A 115 -2.29 32.15 7.31
C VAL A 115 -2.21 33.01 6.06
N THR A 116 -3.17 33.94 5.91
CA THR A 116 -3.22 34.81 4.74
C THR A 116 -3.06 36.25 5.20
N VAL A 117 -2.02 36.93 4.73
CA VAL A 117 -1.77 38.32 5.09
C VAL A 117 -2.13 39.19 3.91
N SER A 118 -3.22 39.95 4.04
CA SER A 118 -3.78 40.69 2.93
C SER A 118 -4.74 41.76 3.46
N SER A 119 -4.92 42.80 2.66
CA SER A 119 -5.92 43.82 2.94
C SER A 119 -7.23 43.55 2.21
N ALA A 120 -7.33 42.45 1.47
CA ALA A 120 -8.57 42.12 0.79
C ALA A 120 -9.63 41.68 1.79
N SER A 121 -10.90 41.89 1.40
CA SER A 121 -12.02 41.59 2.29
C SER A 121 -12.45 40.14 2.19
N THR A 122 -12.91 39.61 3.33
CA THR A 122 -13.56 38.32 3.37
C THR A 122 -14.89 38.38 2.61
N LYS A 123 -15.15 37.37 1.76
CA LYS A 123 -16.39 37.29 0.99
C LYS A 123 -16.71 35.83 0.75
N GLY A 124 -17.97 35.44 0.99
CA GLY A 124 -18.39 34.06 0.77
C GLY A 124 -18.76 33.80 -0.68
N PRO A 125 -18.64 32.55 -1.12
CA PRO A 125 -18.93 32.22 -2.53
C PRO A 125 -20.42 32.17 -2.82
N SER A 126 -20.72 32.31 -4.12
CA SER A 126 -21.97 31.83 -4.69
C SER A 126 -21.71 30.47 -5.31
N VAL A 127 -22.69 29.59 -5.24
CA VAL A 127 -22.54 28.22 -5.75
C VAL A 127 -23.55 28.03 -6.88
N PHE A 128 -23.03 27.74 -8.08
CA PHE A 128 -23.87 27.60 -9.26
C PHE A 128 -23.77 26.18 -9.81
N PRO A 129 -24.84 25.67 -10.43
CA PRO A 129 -24.81 24.29 -10.95
C PRO A 129 -24.07 24.19 -12.26
N LEU A 130 -23.32 23.09 -12.42
CA LEU A 130 -22.81 22.64 -13.71
C LEU A 130 -23.67 21.43 -14.06
N ALA A 131 -24.74 21.66 -14.81
CA ALA A 131 -25.78 20.66 -14.94
C ALA A 131 -25.38 19.60 -15.97
N PRO A 132 -25.69 18.34 -15.71
CA PRO A 132 -25.35 17.30 -16.70
C PRO A 132 -26.19 17.47 -17.97
N SER A 133 -25.55 17.21 -19.12
CA SER A 133 -26.10 17.54 -20.43
C SER A 133 -26.93 16.39 -20.99
N SER A 134 -27.24 16.48 -22.29
CA SER A 134 -27.73 15.37 -23.11
C SER A 134 -26.88 14.11 -22.95
N GLY A 140 -23.29 4.90 -20.75
CA GLY A 140 -22.49 6.10 -20.93
C GLY A 140 -22.16 6.80 -19.63
N THR A 141 -21.25 7.78 -19.70
CA THR A 141 -20.80 8.54 -18.55
C THR A 141 -21.13 10.01 -18.72
N ALA A 142 -21.77 10.59 -17.71
CA ALA A 142 -22.13 12.00 -17.68
C ALA A 142 -21.28 12.74 -16.66
N ALA A 143 -21.12 14.04 -16.84
CA ALA A 143 -20.39 14.86 -15.88
C ALA A 143 -21.30 15.97 -15.36
N LEU A 144 -21.16 16.27 -14.07
CA LEU A 144 -21.90 17.37 -13.44
C LEU A 144 -20.99 17.99 -12.39
N GLY A 145 -21.41 19.13 -11.85
CA GLY A 145 -20.56 19.74 -10.84
C GLY A 145 -21.17 20.98 -10.23
N CYS A 146 -20.35 21.64 -9.41
CA CYS A 146 -20.70 22.92 -8.80
C CYS A 146 -19.59 23.93 -9.05
N LEU A 147 -19.98 25.13 -9.45
CA LEU A 147 -19.06 26.24 -9.63
C LEU A 147 -19.13 27.11 -8.38
N VAL A 148 -18.02 27.22 -7.66
CA VAL A 148 -17.93 27.90 -6.37
C VAL A 148 -17.19 29.20 -6.63
N LYS A 149 -17.93 30.29 -6.82
CA LYS A 149 -17.37 31.49 -7.41
C LYS A 149 -17.35 32.68 -6.46
N ASP A 150 -16.24 33.41 -6.51
CA ASP A 150 -16.10 34.76 -5.93
C ASP A 150 -16.03 34.71 -4.42
N TYR A 151 -14.95 34.14 -3.88
CA TYR A 151 -14.75 34.10 -2.44
C TYR A 151 -13.33 34.49 -2.08
N PHE A 152 -13.17 34.86 -0.81
CA PHE A 152 -11.86 35.20 -0.27
C PHE A 152 -11.94 35.14 1.25
N PRO A 153 -10.91 34.67 1.96
CA PRO A 153 -9.68 34.05 1.47
C PRO A 153 -9.89 32.56 1.18
N GLU A 154 -8.81 31.87 0.80
CA GLU A 154 -8.83 30.42 0.88
C GLU A 154 -8.95 29.99 2.35
N PRO A 155 -9.43 28.77 2.61
CA PRO A 155 -9.87 27.70 1.71
C PRO A 155 -11.39 27.48 1.73
N VAL A 156 -11.84 26.70 0.76
CA VAL A 156 -13.20 26.18 0.77
C VAL A 156 -13.10 24.66 0.71
N THR A 157 -14.07 23.97 1.32
CA THR A 157 -14.17 22.53 1.16
C THR A 157 -15.42 22.19 0.37
N VAL A 158 -15.32 21.13 -0.44
CA VAL A 158 -16.45 20.63 -1.21
C VAL A 158 -16.50 19.13 -1.01
N SER A 159 -17.64 18.62 -0.59
CA SER A 159 -17.93 17.20 -0.62
C SER A 159 -19.16 16.98 -1.50
N TRP A 160 -19.41 15.72 -1.82
CA TRP A 160 -20.59 15.34 -2.58
C TRP A 160 -21.41 14.35 -1.76
N ASN A 161 -22.72 14.61 -1.67
CA ASN A 161 -23.66 13.74 -0.97
C ASN A 161 -23.17 13.45 0.44
N SER A 162 -22.71 14.50 1.11
CA SER A 162 -22.28 14.44 2.51
C SER A 162 -21.12 13.48 2.72
N GLY A 163 -20.29 13.31 1.69
CA GLY A 163 -19.15 12.41 1.75
C GLY A 163 -19.39 11.02 1.21
N ALA A 164 -20.63 10.67 0.84
CA ALA A 164 -20.93 9.34 0.32
C ALA A 164 -20.49 9.15 -1.11
N LEU A 165 -20.31 10.22 -1.87
CA LEU A 165 -19.86 10.16 -3.25
C LEU A 165 -18.44 10.70 -3.29
N THR A 166 -17.48 9.82 -3.58
CA THR A 166 -16.07 10.20 -3.65
C THR A 166 -15.45 9.74 -4.97
N SER A 167 -15.94 8.63 -5.52
CA SER A 167 -15.34 8.10 -6.73
C SER A 167 -15.65 9.02 -7.91
N GLY A 168 -14.61 9.35 -8.68
CA GLY A 168 -14.82 10.17 -9.86
C GLY A 168 -14.95 11.64 -9.60
N VAL A 169 -14.76 12.08 -8.35
CA VAL A 169 -14.81 13.50 -7.99
C VAL A 169 -13.46 14.15 -8.31
N HIS A 170 -13.50 15.34 -8.93
CA HIS A 170 -12.34 16.21 -9.04
C HIS A 170 -12.72 17.60 -8.55
N THR A 171 -12.12 18.03 -7.44
CA THR A 171 -12.26 19.40 -6.98
C THR A 171 -11.01 20.17 -7.39
N PHE A 172 -11.18 21.16 -8.25
CA PHE A 172 -10.04 21.82 -8.86
C PHE A 172 -9.41 22.81 -7.89
N PRO A 173 -8.09 22.99 -8.00
CA PRO A 173 -7.43 24.08 -7.27
C PRO A 173 -8.07 25.42 -7.59
N ALA A 174 -8.28 26.19 -6.53
CA ALA A 174 -8.77 27.55 -6.71
C ALA A 174 -7.80 28.35 -7.57
N VAL A 175 -8.36 29.24 -8.37
CA VAL A 175 -7.58 30.19 -9.14
C VAL A 175 -8.05 31.59 -8.81
N LEU A 176 -7.09 32.49 -8.58
CA LEU A 176 -7.38 33.89 -8.28
C LEU A 176 -7.80 34.62 -9.56
N GLN A 177 -8.98 35.24 -9.54
CA GLN A 177 -9.48 36.03 -10.65
C GLN A 177 -8.91 37.44 -10.59
N SER A 178 -9.02 38.17 -11.70
CA SER A 178 -8.51 39.54 -11.72
C SER A 178 -9.23 40.45 -10.72
N SER A 179 -10.43 40.06 -10.28
CA SER A 179 -11.15 40.78 -9.24
C SER A 179 -10.48 40.67 -7.86
N GLY A 180 -9.53 39.75 -7.70
CA GLY A 180 -8.97 39.47 -6.38
C GLY A 180 -9.74 38.45 -5.59
N LEU A 181 -10.74 37.82 -6.20
CA LEU A 181 -11.54 36.77 -5.58
C LEU A 181 -11.18 35.43 -6.22
N TYR A 182 -11.25 34.39 -5.41
CA TYR A 182 -11.02 33.02 -5.91
C TYR A 182 -12.29 32.45 -6.55
N SER A 183 -12.08 31.46 -7.42
CA SER A 183 -13.16 30.65 -7.94
C SER A 183 -12.63 29.24 -8.20
N LEU A 184 -13.50 28.25 -8.05
CA LEU A 184 -13.13 26.89 -8.42
C LEU A 184 -14.39 26.11 -8.79
N SER A 185 -14.19 25.01 -9.51
CA SER A 185 -15.28 24.08 -9.76
C SER A 185 -14.95 22.75 -9.09
N SER A 186 -15.99 22.04 -8.71
CA SER A 186 -15.90 20.63 -8.30
C SER A 186 -16.81 19.83 -9.21
N VAL A 187 -16.26 18.78 -9.84
CA VAL A 187 -17.02 17.99 -10.80
C VAL A 187 -16.98 16.53 -10.41
N VAL A 188 -17.92 15.77 -10.97
CA VAL A 188 -17.97 14.33 -10.77
C VAL A 188 -18.50 13.70 -12.04
N THR A 189 -17.92 12.57 -12.44
CA THR A 189 -18.48 11.78 -13.53
C THR A 189 -19.31 10.65 -12.94
N VAL A 190 -20.48 10.42 -13.51
CA VAL A 190 -21.43 9.44 -12.99
C VAL A 190 -22.10 8.70 -14.16
N PRO A 191 -22.76 7.57 -13.91
CA PRO A 191 -23.49 6.91 -14.99
C PRO A 191 -24.63 7.77 -15.49
N SER A 192 -24.76 7.87 -16.82
CA SER A 192 -25.89 8.55 -17.41
C SER A 192 -27.20 7.96 -16.93
N SER A 193 -27.24 6.64 -16.71
CA SER A 193 -28.49 6.00 -16.29
C SER A 193 -28.95 6.46 -14.92
N SER A 194 -28.06 7.07 -14.12
CA SER A 194 -28.41 7.50 -12.77
C SER A 194 -29.08 8.88 -12.73
N LEU A 195 -29.07 9.64 -13.83
CA LEU A 195 -29.41 11.06 -13.76
C LEU A 195 -30.86 11.30 -13.35
N GLY A 196 -31.78 10.45 -13.78
CA GLY A 196 -33.16 10.61 -13.34
C GLY A 196 -33.37 10.24 -11.89
N THR A 197 -32.56 9.34 -11.37
CA THR A 197 -32.86 8.62 -10.13
C THR A 197 -32.00 9.02 -8.95
N GLN A 198 -30.70 9.23 -9.15
CA GLN A 198 -29.79 9.52 -8.06
C GLN A 198 -29.69 11.01 -7.82
N THR A 199 -29.81 11.42 -6.55
CA THR A 199 -29.64 12.82 -6.18
C THR A 199 -28.16 13.14 -6.04
N TYR A 200 -27.76 14.29 -6.56
CA TYR A 200 -26.37 14.76 -6.45
C TYR A 200 -26.37 16.14 -5.81
N ILE A 201 -25.75 16.25 -4.63
CA ILE A 201 -25.70 17.51 -3.89
C ILE A 201 -24.24 17.80 -3.54
N CYS A 202 -23.76 19.01 -3.85
CA CYS A 202 -22.41 19.39 -3.42
C CYS A 202 -22.52 20.18 -2.13
N ASN A 203 -21.71 19.82 -1.15
CA ASN A 203 -21.71 20.46 0.16
C ASN A 203 -20.50 21.39 0.22
N VAL A 204 -20.75 22.69 0.21
CA VAL A 204 -19.71 23.71 0.16
C VAL A 204 -19.64 24.39 1.52
N ASN A 205 -18.43 24.52 2.05
CA ASN A 205 -18.23 25.22 3.32
C ASN A 205 -17.06 26.17 3.17
N HIS A 206 -17.32 27.46 3.29
CA HIS A 206 -16.29 28.48 3.31
C HIS A 206 -16.27 29.01 4.73
N LYS A 207 -15.53 28.33 5.60
CA LYS A 207 -15.51 28.73 7.00
C LYS A 207 -15.04 30.17 7.22
N PRO A 208 -14.07 30.71 6.48
CA PRO A 208 -13.67 32.11 6.76
C PRO A 208 -14.81 33.11 6.70
N SER A 209 -15.83 32.89 5.87
CA SER A 209 -16.93 33.84 5.75
C SER A 209 -18.21 33.34 6.40
N ASN A 210 -18.15 32.18 7.07
CA ASN A 210 -19.32 31.58 7.71
C ASN A 210 -20.40 31.25 6.67
N THR A 211 -19.98 30.68 5.53
CA THR A 211 -20.90 30.40 4.40
C THR A 211 -20.96 28.89 4.17
N LYS A 212 -22.11 28.29 4.47
CA LYS A 212 -22.35 26.87 4.22
C LYS A 212 -23.50 26.77 3.21
N VAL A 213 -23.29 25.99 2.14
CA VAL A 213 -24.28 25.87 1.06
C VAL A 213 -24.35 24.41 0.65
N ASP A 214 -25.56 23.87 0.51
CA ASP A 214 -25.80 22.59 -0.18
C ASP A 214 -26.49 22.91 -1.49
N LYS A 215 -25.90 22.47 -2.60
CA LYS A 215 -26.47 22.74 -3.93
C LYS A 215 -26.80 21.42 -4.61
N LYS A 216 -28.10 21.22 -4.89
CA LYS A 216 -28.54 20.07 -5.66
C LYS A 216 -28.37 20.38 -7.15
N VAL A 217 -27.80 19.43 -7.89
CA VAL A 217 -27.43 19.60 -9.29
C VAL A 217 -28.15 18.53 -10.09
N GLU A 218 -28.92 18.94 -11.09
CA GLU A 218 -29.75 18.01 -11.84
C GLU A 218 -29.79 18.41 -13.29
N PRO A 219 -30.22 17.52 -14.19
CA PRO A 219 -30.40 17.91 -15.60
C PRO A 219 -31.39 19.07 -15.70
N LYS A 220 -31.07 20.03 -16.57
CA LYS A 220 -31.94 21.19 -16.76
C LYS A 220 -33.17 20.79 -17.57
N SER A 221 -34.33 21.26 -17.11
CA SER A 221 -35.57 21.01 -17.82
C SER A 221 -35.62 21.84 -19.09
N CYS A 222 -36.04 21.21 -20.19
CA CYS A 222 -35.85 21.81 -21.51
C CYS A 222 -37.07 21.74 -22.42
N GLU B 1 24.34 30.11 5.98
CA GLU B 1 23.65 28.83 6.05
C GLU B 1 24.08 27.92 4.91
N ILE B 2 23.96 26.61 5.11
CA ILE B 2 24.35 25.62 4.10
C ILE B 2 23.20 25.48 3.10
N VAL B 3 23.49 25.73 1.83
CA VAL B 3 22.47 25.71 0.79
C VAL B 3 22.38 24.30 0.21
N MET B 4 21.15 23.76 0.18
CA MET B 4 20.87 22.47 -0.42
C MET B 4 20.17 22.67 -1.74
N THR B 5 20.70 22.06 -2.80
CA THR B 5 20.20 22.24 -4.16
C THR B 5 19.76 20.90 -4.70
N GLN B 6 18.49 20.81 -5.13
CA GLN B 6 17.95 19.58 -5.72
C GLN B 6 17.91 19.73 -7.23
N SER B 7 18.51 18.76 -7.93
CA SER B 7 18.99 18.99 -9.30
C SER B 7 17.82 19.01 -10.28
N PRO B 8 17.23 17.88 -10.69
CA PRO B 8 16.10 18.02 -11.62
C PRO B 8 14.90 18.55 -10.83
N ALA B 9 14.45 19.76 -11.18
CA ALA B 9 13.26 20.30 -10.53
C ALA B 9 12.08 19.36 -10.71
N THR B 10 12.00 18.67 -11.84
CA THR B 10 10.94 17.74 -12.15
C THR B 10 11.53 16.46 -12.74
N LEU B 11 10.80 15.37 -12.53
CA LEU B 11 11.13 14.07 -13.10
C LEU B 11 9.84 13.43 -13.57
N SER B 12 9.90 12.74 -14.70
CA SER B 12 8.76 12.01 -15.23
C SER B 12 9.26 10.62 -15.57
N VAL B 13 8.80 9.62 -14.81
CA VAL B 13 9.34 8.26 -14.86
C VAL B 13 8.19 7.28 -15.01
N SER B 14 8.36 6.29 -15.89
CA SER B 14 7.33 5.28 -16.11
C SER B 14 7.14 4.43 -14.85
N PRO B 15 5.92 3.98 -14.59
CA PRO B 15 5.69 3.10 -13.43
C PRO B 15 6.50 1.81 -13.56
N GLY B 16 7.06 1.37 -12.44
CA GLY B 16 7.93 0.21 -12.42
C GLY B 16 9.36 0.48 -12.80
N GLU B 17 9.71 1.69 -13.23
CA GLU B 17 11.08 2.04 -13.58
C GLU B 17 11.72 2.84 -12.44
N ARG B 18 13.03 3.04 -12.55
CA ARG B 18 13.82 3.63 -11.48
C ARG B 18 13.85 5.15 -11.58
N ALA B 19 13.64 5.81 -10.44
CA ALA B 19 13.73 7.27 -10.34
C ALA B 19 14.90 7.64 -9.45
N THR B 20 15.78 8.53 -9.93
CA THR B 20 16.95 8.95 -9.19
C THR B 20 16.92 10.47 -8.98
N LEU B 21 16.96 10.89 -7.72
CA LEU B 21 16.86 12.30 -7.36
C LEU B 21 18.16 12.77 -6.72
N SER B 22 18.57 13.99 -7.03
CA SER B 22 19.85 14.52 -6.58
C SER B 22 19.68 15.68 -5.61
N CYS B 23 20.54 15.70 -4.59
CA CYS B 23 20.58 16.78 -3.60
C CYS B 23 22.04 17.12 -3.33
N LYS B 24 22.42 18.36 -3.58
CA LYS B 24 23.80 18.82 -3.44
C LYS B 24 23.90 19.88 -2.36
N ALA B 25 24.90 19.75 -1.50
CA ALA B 25 25.13 20.70 -0.41
C ALA B 25 26.26 21.65 -0.77
N SER B 26 26.20 22.87 -0.22
CA SER B 26 27.22 23.88 -0.51
C SER B 26 28.49 23.66 0.29
N GLN B 27 28.39 22.99 1.44
CA GLN B 27 29.55 22.57 2.23
C GLN B 27 29.37 21.12 2.64
N ASP B 28 30.36 20.59 3.35
CA ASP B 28 30.29 19.22 3.84
C ASP B 28 29.23 19.11 4.93
N VAL B 29 28.36 18.09 4.81
CA VAL B 29 27.34 17.85 5.81
C VAL B 29 27.41 16.40 6.28
N GLY B 30 28.50 15.73 5.94
CA GLY B 30 28.69 14.35 6.39
C GLY B 30 27.63 13.43 5.80
N THR B 31 26.94 12.70 6.68
CA THR B 31 25.75 11.94 6.31
C THR B 31 24.52 12.43 7.06
N SER B 32 24.54 13.68 7.53
CA SER B 32 23.43 14.22 8.29
C SER B 32 22.40 14.83 7.33
N VAL B 33 21.79 13.97 6.53
CA VAL B 33 20.86 14.40 5.49
C VAL B 33 19.63 13.50 5.50
N ALA B 34 18.46 14.13 5.40
CA ALA B 34 17.19 13.41 5.39
C ALA B 34 16.42 13.72 4.11
N TRP B 35 15.49 12.83 3.78
CA TRP B 35 14.60 13.01 2.64
C TRP B 35 13.16 12.92 3.10
N TYR B 36 12.31 13.81 2.57
CA TYR B 36 10.89 13.86 2.89
C TYR B 36 10.06 13.74 1.61
N GLN B 37 8.92 13.09 1.74
CA GLN B 37 7.94 12.97 0.66
C GLN B 37 6.77 13.87 1.02
N GLN B 38 6.31 14.67 0.06
CA GLN B 38 5.14 15.50 0.31
C GLN B 38 4.17 15.39 -0.87
N LYS B 39 3.10 14.68 -0.66
CA LYS B 39 2.02 14.59 -1.63
C LYS B 39 1.13 15.84 -1.53
N PRO B 40 0.54 16.26 -2.65
CA PRO B 40 -0.30 17.45 -2.63
C PRO B 40 -1.40 17.36 -1.57
N GLY B 41 -1.58 18.45 -0.83
CA GLY B 41 -2.60 18.53 0.19
C GLY B 41 -2.22 17.94 1.52
N GLN B 42 -1.02 17.36 1.64
CA GLN B 42 -0.61 16.65 2.84
C GLN B 42 0.68 17.24 3.38
N ALA B 43 0.97 16.92 4.64
CA ALA B 43 2.22 17.31 5.25
C ALA B 43 3.36 16.42 4.78
N PRO B 44 4.61 16.90 4.90
CA PRO B 44 5.75 16.05 4.53
C PRO B 44 5.85 14.83 5.42
N ARG B 45 6.53 13.81 4.90
CA ARG B 45 6.72 12.53 5.58
C ARG B 45 8.19 12.15 5.51
N LEU B 46 8.77 11.85 6.67
CA LEU B 46 10.18 11.47 6.69
C LEU B 46 10.40 10.12 6.03
N LEU B 47 11.31 10.07 5.06
CA LEU B 47 11.61 8.89 4.28
C LEU B 47 12.92 8.25 4.68
N ILE B 48 14.00 9.03 4.62
CA ILE B 48 15.37 8.58 4.80
C ILE B 48 16.04 9.52 5.80
N TYR B 49 16.86 8.97 6.68
CA TYR B 49 17.69 9.78 7.57
C TYR B 49 19.11 9.22 7.52
N TRP B 50 20.07 9.98 8.05
CA TRP B 50 21.48 9.56 8.04
C TRP B 50 21.93 9.21 6.62
N ALA B 51 21.42 9.97 5.64
CA ALA B 51 21.72 9.81 4.22
C ALA B 51 21.23 8.50 3.62
N SER B 52 21.26 7.39 4.37
CA SER B 52 20.95 6.09 3.79
C SER B 52 20.09 5.19 4.66
N ALA B 53 19.66 5.64 5.83
CA ALA B 53 18.84 4.81 6.71
C ALA B 53 17.37 5.03 6.41
N ARG B 54 16.65 3.94 6.13
CA ARG B 54 15.23 4.03 5.87
C ARG B 54 14.48 4.22 7.18
N HIS B 55 13.61 5.23 7.23
CA HIS B 55 12.75 5.44 8.39
C HIS B 55 11.79 4.27 8.54
N THR B 56 11.31 4.08 9.77
CA THR B 56 10.46 2.94 10.06
C THR B 56 9.17 3.01 9.25
N GLY B 57 8.80 1.90 8.65
CA GLY B 57 7.56 1.83 7.88
C GLY B 57 7.64 2.35 6.45
N ILE B 58 8.83 2.71 5.98
CA ILE B 58 8.99 3.20 4.60
C ILE B 58 9.28 2.02 3.70
N PRO B 59 8.63 1.89 2.53
CA PRO B 59 8.85 0.72 1.69
C PRO B 59 10.30 0.60 1.22
N ALA B 60 10.72 -0.64 1.00
CA ALA B 60 12.10 -0.93 0.60
C ALA B 60 12.49 -0.33 -0.74
N ARG B 61 11.54 0.02 -1.61
CA ARG B 61 11.95 0.58 -2.88
C ARG B 61 12.59 1.96 -2.76
N PHE B 62 12.48 2.60 -1.59
CA PHE B 62 13.14 3.87 -1.32
C PHE B 62 14.51 3.61 -0.71
N SER B 63 15.56 4.14 -1.34
CA SER B 63 16.88 4.05 -0.74
C SER B 63 17.61 5.38 -0.93
N GLY B 64 18.50 5.69 0.01
CA GLY B 64 19.29 6.90 -0.06
C GLY B 64 20.76 6.54 -0.04
N SER B 65 21.58 7.38 -0.68
CA SER B 65 23.02 7.17 -0.72
C SER B 65 23.71 8.52 -0.73
N GLY B 66 25.02 8.49 -0.48
CA GLY B 66 25.85 9.66 -0.59
C GLY B 66 26.44 10.09 0.74
N SER B 67 27.39 11.02 0.63
CA SER B 67 28.12 11.56 1.77
C SER B 67 28.85 12.80 1.32
N GLY B 68 29.11 13.71 2.26
CA GLY B 68 29.85 14.91 1.95
C GLY B 68 28.98 16.02 1.40
N THR B 69 28.93 16.17 0.08
CA THR B 69 28.13 17.21 -0.55
C THR B 69 27.16 16.70 -1.61
N GLU B 70 27.18 15.41 -1.95
CA GLU B 70 26.38 14.88 -3.05
C GLU B 70 25.54 13.72 -2.55
N PHE B 71 24.22 13.84 -2.65
CA PHE B 71 23.30 12.85 -2.10
C PHE B 71 22.26 12.47 -3.15
N THR B 72 21.70 11.27 -2.98
CA THR B 72 20.82 10.70 -3.99
C THR B 72 19.70 9.91 -3.34
N LEU B 73 18.47 10.16 -3.77
CA LEU B 73 17.33 9.33 -3.42
C LEU B 73 16.96 8.52 -4.64
N THR B 74 16.92 7.20 -4.49
CA THR B 74 16.54 6.30 -5.57
C THR B 74 15.23 5.63 -5.19
N ILE B 75 14.24 5.71 -6.08
CA ILE B 75 13.03 4.91 -5.99
C ILE B 75 13.16 3.84 -7.06
N SER B 76 13.37 2.59 -6.64
CA SER B 76 13.84 1.57 -7.57
C SER B 76 12.79 1.16 -8.58
N SER B 77 11.53 1.01 -8.15
CA SER B 77 10.45 0.58 -9.02
C SER B 77 9.29 1.53 -8.74
N LEU B 78 9.27 2.64 -9.47
CA LEU B 78 8.36 3.73 -9.15
C LEU B 78 6.92 3.26 -9.21
N GLN B 79 6.18 3.48 -8.13
CA GLN B 79 4.77 3.12 -8.09
C GLN B 79 3.91 4.37 -8.26
N SER B 80 2.69 4.17 -8.74
CA SER B 80 1.84 5.32 -9.02
C SER B 80 1.54 6.15 -7.77
N GLU B 81 1.46 5.52 -6.59
CA GLU B 81 1.22 6.28 -5.36
C GLU B 81 2.43 7.09 -4.93
N ASP B 82 3.55 6.97 -5.62
CA ASP B 82 4.75 7.72 -5.25
C ASP B 82 4.78 9.12 -5.87
N PHE B 83 3.76 9.51 -6.64
CA PHE B 83 3.64 10.90 -7.08
C PHE B 83 3.71 11.84 -5.89
N ALA B 84 4.67 12.77 -5.91
CA ALA B 84 4.92 13.64 -4.77
C ALA B 84 6.03 14.61 -5.12
N VAL B 85 6.22 15.59 -4.23
CA VAL B 85 7.43 16.40 -4.21
C VAL B 85 8.33 15.83 -3.13
N TYR B 86 9.61 15.66 -3.45
CA TYR B 86 10.58 15.09 -2.53
C TYR B 86 11.57 16.18 -2.14
N TYR B 87 11.77 16.35 -0.83
CA TYR B 87 12.64 17.38 -0.30
C TYR B 87 13.81 16.73 0.43
N CYS B 88 15.00 17.27 0.26
CA CYS B 88 16.10 16.87 1.14
C CYS B 88 16.34 17.94 2.18
N GLN B 89 17.19 17.60 3.15
CA GLN B 89 17.33 18.40 4.35
C GLN B 89 18.66 18.05 4.99
N GLN B 90 19.42 19.06 5.40
CA GLN B 90 20.64 18.80 6.15
C GLN B 90 20.45 19.24 7.60
N TYR B 91 21.04 18.47 8.51
CA TYR B 91 21.03 18.80 9.94
C TYR B 91 22.44 18.63 10.50
N SER B 92 23.44 18.85 9.65
CA SER B 92 24.82 18.74 10.09
C SER B 92 25.19 19.87 11.03
N SER B 93 24.67 21.08 10.78
CA SER B 93 24.94 22.21 11.64
C SER B 93 23.79 23.22 11.55
N TYR B 94 23.69 24.04 12.59
CA TYR B 94 22.66 25.07 12.66
C TYR B 94 22.98 26.20 11.67
N PRO B 95 21.97 26.71 10.95
CA PRO B 95 20.57 26.28 10.96
C PRO B 95 20.28 25.12 10.01
N LEU B 96 19.36 24.25 10.41
CA LEU B 96 18.84 23.24 9.49
C LEU B 96 18.28 23.92 8.24
N THR B 97 18.47 23.27 7.09
CA THR B 97 17.97 23.83 5.82
C THR B 97 17.37 22.73 4.97
N PHE B 98 16.47 23.14 4.06
CA PHE B 98 15.81 22.28 3.10
C PHE B 98 16.28 22.60 1.69
N GLY B 99 16.36 21.56 0.86
CA GLY B 99 16.39 21.78 -0.58
C GLY B 99 15.05 22.24 -1.11
N GLY B 100 15.06 22.66 -2.38
CA GLY B 100 13.87 23.24 -3.00
C GLY B 100 12.85 22.25 -3.53
N GLY B 101 13.15 20.96 -3.49
CA GLY B 101 12.20 19.93 -3.84
C GLY B 101 12.30 19.50 -5.29
N THR B 102 11.98 18.22 -5.53
CA THR B 102 11.89 17.66 -6.88
C THR B 102 10.55 16.97 -7.02
N LYS B 103 9.78 17.35 -8.05
CA LYS B 103 8.45 16.81 -8.27
C LYS B 103 8.53 15.62 -9.23
N VAL B 104 8.01 14.47 -8.79
CA VAL B 104 8.12 13.22 -9.53
C VAL B 104 6.73 12.88 -10.07
N GLU B 105 6.58 12.94 -11.40
CA GLU B 105 5.36 12.52 -12.08
C GLU B 105 5.50 11.11 -12.62
N ILE B 106 4.39 10.37 -12.62
CA ILE B 106 4.37 9.02 -13.18
C ILE B 106 4.01 9.10 -14.66
N LYS B 107 4.89 8.60 -15.52
CA LYS B 107 4.68 8.65 -16.96
C LYS B 107 3.90 7.40 -17.38
N ARG B 108 2.57 7.48 -17.28
CA ARG B 108 1.69 6.42 -17.73
C ARG B 108 1.49 6.52 -19.24
N THR B 109 0.67 5.61 -19.77
CA THR B 109 0.34 5.63 -21.18
C THR B 109 -0.57 6.83 -21.49
N VAL B 110 -0.59 7.19 -22.78
CA VAL B 110 -1.41 8.30 -23.23
C VAL B 110 -2.88 7.99 -22.98
N ALA B 111 -3.63 8.97 -22.49
CA ALA B 111 -5.06 8.82 -22.27
C ALA B 111 -5.75 10.09 -22.77
N ALA B 112 -6.71 9.93 -23.69
CA ALA B 112 -7.40 11.09 -24.22
C ALA B 112 -8.42 11.62 -23.20
N PRO B 113 -8.61 12.95 -23.14
CA PRO B 113 -9.61 13.48 -22.22
C PRO B 113 -11.03 13.21 -22.71
N SER B 114 -11.94 13.02 -21.75
CA SER B 114 -13.37 13.17 -22.02
C SER B 114 -13.69 14.64 -21.83
N VAL B 115 -14.45 15.23 -22.76
CA VAL B 115 -14.67 16.68 -22.78
C VAL B 115 -16.15 16.98 -22.53
N PHE B 116 -16.41 17.96 -21.67
CA PHE B 116 -17.79 18.37 -21.39
C PHE B 116 -17.86 19.89 -21.36
N ILE B 117 -18.95 20.45 -21.89
CA ILE B 117 -19.16 21.89 -21.80
C ILE B 117 -20.40 22.18 -20.97
N PHE B 118 -20.32 23.22 -20.14
CA PHE B 118 -21.44 23.63 -19.28
C PHE B 118 -21.82 25.08 -19.54
N PRO B 119 -23.06 25.35 -19.96
CA PRO B 119 -23.51 26.74 -20.09
C PRO B 119 -23.63 27.40 -18.73
N PRO B 120 -23.67 28.73 -18.68
CA PRO B 120 -23.96 29.40 -17.41
C PRO B 120 -25.37 29.09 -16.94
N SER B 121 -25.52 29.06 -15.62
CA SER B 121 -26.83 28.82 -15.04
C SER B 121 -27.69 30.09 -15.11
N ASP B 122 -29.00 29.87 -15.16
CA ASP B 122 -29.92 31.00 -15.10
C ASP B 122 -29.72 31.80 -13.82
N GLU B 123 -29.42 31.13 -12.70
CA GLU B 123 -29.24 31.86 -11.45
C GLU B 123 -28.05 32.80 -11.52
N GLN B 124 -26.93 32.35 -12.10
CA GLN B 124 -25.79 33.26 -12.22
C GLN B 124 -26.12 34.44 -13.12
N LEU B 125 -26.85 34.19 -14.21
CA LEU B 125 -27.14 35.25 -15.16
C LEU B 125 -27.90 36.41 -14.51
N LYS B 126 -28.74 36.13 -13.50
CA LYS B 126 -29.39 37.22 -12.76
C LYS B 126 -28.37 38.16 -12.13
N SER B 127 -27.19 37.64 -11.75
CA SER B 127 -26.13 38.44 -11.14
C SER B 127 -25.43 39.38 -12.11
N GLY B 128 -25.64 39.22 -13.42
CA GLY B 128 -24.99 40.06 -14.40
C GLY B 128 -23.74 39.48 -15.03
N THR B 129 -23.37 38.25 -14.69
CA THR B 129 -22.16 37.60 -15.20
C THR B 129 -22.50 36.21 -15.70
N ALA B 130 -21.74 35.74 -16.70
CA ALA B 130 -21.89 34.40 -17.25
C ALA B 130 -20.55 33.68 -17.18
N SER B 131 -20.52 32.53 -16.51
CA SER B 131 -19.35 31.67 -16.54
C SER B 131 -19.67 30.44 -17.38
N VAL B 132 -18.86 30.17 -18.40
CA VAL B 132 -18.98 28.98 -19.23
C VAL B 132 -17.80 28.07 -18.90
N VAL B 133 -18.07 26.79 -18.62
CA VAL B 133 -17.04 25.89 -18.13
C VAL B 133 -16.81 24.76 -19.11
N CYS B 134 -15.55 24.50 -19.42
CA CYS B 134 -15.16 23.36 -20.24
C CYS B 134 -14.31 22.43 -19.38
N LEU B 135 -14.69 21.16 -19.32
CA LEU B 135 -14.02 20.16 -18.50
C LEU B 135 -13.31 19.13 -19.38
N LEU B 136 -12.04 18.87 -19.07
CA LEU B 136 -11.27 17.80 -19.69
C LEU B 136 -10.98 16.80 -18.59
N ASN B 137 -11.50 15.58 -18.73
CA ASN B 137 -11.45 14.64 -17.62
C ASN B 137 -10.50 13.50 -17.91
N ASN B 138 -9.59 13.24 -16.96
CA ASN B 138 -8.77 12.01 -16.86
C ASN B 138 -7.92 11.76 -18.11
N PHE B 139 -6.96 12.66 -18.33
CA PHE B 139 -6.10 12.57 -19.51
C PHE B 139 -4.62 12.54 -19.10
N TYR B 140 -3.79 12.10 -20.06
CA TYR B 140 -2.35 12.07 -19.89
C TYR B 140 -1.73 12.10 -21.28
N PRO B 141 -0.67 12.89 -21.50
CA PRO B 141 0.03 13.75 -20.54
C PRO B 141 -0.71 15.05 -20.23
N ARG B 142 -0.10 15.86 -19.36
CA ARG B 142 -0.74 17.07 -18.85
C ARG B 142 -0.94 18.11 -19.94
N GLU B 143 -0.07 18.14 -20.95
CA GLU B 143 -0.15 19.17 -21.97
C GLU B 143 -1.44 19.05 -22.78
N ALA B 144 -2.18 20.15 -22.84
CA ALA B 144 -3.43 20.19 -23.58
C ALA B 144 -3.73 21.62 -24.01
N LYS B 145 -4.43 21.77 -25.13
CA LYS B 145 -4.81 23.10 -25.59
C LYS B 145 -6.33 23.20 -25.60
N VAL B 146 -6.85 24.24 -24.95
CA VAL B 146 -8.27 24.50 -24.88
C VAL B 146 -8.51 25.85 -25.52
N GLN B 147 -9.36 25.89 -26.54
CA GLN B 147 -9.66 27.14 -27.23
C GLN B 147 -11.16 27.40 -27.15
N TRP B 148 -11.52 28.61 -26.72
CA TRP B 148 -12.91 29.05 -26.67
C TRP B 148 -13.25 29.83 -27.93
N LYS B 149 -14.42 29.54 -28.51
CA LYS B 149 -14.96 30.37 -29.58
C LYS B 149 -16.39 30.78 -29.25
N VAL B 150 -16.70 32.05 -29.54
CA VAL B 150 -18.04 32.61 -29.38
C VAL B 150 -18.41 33.17 -30.74
N ASP B 151 -19.40 32.56 -31.40
CA ASP B 151 -19.78 32.94 -32.76
C ASP B 151 -18.56 33.14 -33.64
N ASN B 152 -17.67 32.14 -33.66
CA ASN B 152 -16.51 32.01 -34.54
C ASN B 152 -15.33 32.85 -34.09
N ALA B 153 -15.45 33.71 -33.08
CA ALA B 153 -14.32 34.52 -32.63
C ALA B 153 -13.57 33.78 -31.52
N LEU B 154 -12.28 33.55 -31.74
CA LEU B 154 -11.43 32.98 -30.70
C LEU B 154 -11.38 33.96 -29.53
N GLN B 155 -11.64 33.45 -28.32
CA GLN B 155 -11.62 34.26 -27.09
C GLN B 155 -10.25 34.14 -26.45
N SER B 156 -9.65 35.26 -26.13
CA SER B 156 -8.32 35.26 -25.52
C SER B 156 -8.31 36.28 -24.41
N GLY B 157 -7.72 35.91 -23.27
CA GLY B 157 -7.61 36.83 -22.14
C GLY B 157 -8.79 36.84 -21.19
N ASN B 158 -9.89 36.17 -21.52
CA ASN B 158 -11.08 36.16 -20.70
C ASN B 158 -11.43 34.77 -20.19
N SER B 159 -10.41 33.91 -20.09
CA SER B 159 -10.60 32.60 -19.48
C SER B 159 -9.44 32.29 -18.53
N GLN B 160 -9.71 31.38 -17.60
CA GLN B 160 -8.69 30.85 -16.71
C GLN B 160 -8.80 29.33 -16.64
N GLU B 161 -7.66 28.68 -16.48
CA GLU B 161 -7.56 27.23 -16.37
C GLU B 161 -7.12 26.83 -14.98
N SER B 162 -7.61 25.69 -14.53
CA SER B 162 -7.10 25.01 -13.34
C SER B 162 -6.85 23.55 -13.69
N VAL B 163 -5.76 22.97 -13.19
CA VAL B 163 -5.45 21.57 -13.47
C VAL B 163 -5.29 20.86 -12.14
N THR B 164 -5.89 19.67 -12.02
CA THR B 164 -5.68 18.90 -10.80
C THR B 164 -4.24 18.39 -10.72
N GLU B 165 -3.82 18.05 -9.51
CA GLU B 165 -2.57 17.32 -9.35
C GLU B 165 -2.75 15.90 -9.88
N GLN B 166 -1.64 15.30 -10.32
CA GLN B 166 -1.75 13.95 -10.89
C GLN B 166 -2.47 13.03 -9.92
N ASP B 167 -3.41 12.28 -10.45
CA ASP B 167 -4.21 11.38 -9.63
C ASP B 167 -3.34 10.20 -9.21
N SER B 168 -3.28 9.93 -7.91
CA SER B 168 -2.46 8.82 -7.43
C SER B 168 -2.91 7.50 -8.04
N LYS B 169 -4.22 7.30 -8.19
CA LYS B 169 -4.74 5.99 -8.54
C LYS B 169 -4.66 5.68 -10.03
N ASP B 170 -4.95 6.63 -10.92
CA ASP B 170 -4.83 6.32 -12.33
C ASP B 170 -3.79 7.17 -13.06
N SER B 171 -3.06 8.03 -12.36
CA SER B 171 -1.97 8.83 -12.92
C SER B 171 -2.44 9.80 -14.00
N THR B 172 -3.71 10.20 -14.00
CA THR B 172 -4.20 11.16 -14.98
C THR B 172 -4.33 12.55 -14.38
N TYR B 173 -4.55 13.53 -15.25
CA TYR B 173 -4.87 14.90 -14.90
C TYR B 173 -6.29 15.21 -15.33
N SER B 174 -6.90 16.22 -14.70
CA SER B 174 -8.13 16.78 -15.24
C SER B 174 -7.97 18.29 -15.27
N LEU B 175 -8.77 18.95 -16.11
CA LEU B 175 -8.56 20.38 -16.33
C LEU B 175 -9.90 21.07 -16.50
N SER B 176 -10.05 22.24 -15.89
CA SER B 176 -11.22 23.09 -16.11
C SER B 176 -10.76 24.37 -16.77
N SER B 177 -11.53 24.83 -17.74
CA SER B 177 -11.28 26.15 -18.32
C SER B 177 -12.58 26.93 -18.21
N THR B 178 -12.50 28.13 -17.63
CA THR B 178 -13.70 28.92 -17.38
C THR B 178 -13.62 30.21 -18.17
N LEU B 179 -14.60 30.41 -19.04
CA LEU B 179 -14.74 31.61 -19.85
C LEU B 179 -15.75 32.52 -19.15
N THR B 180 -15.36 33.76 -18.85
CA THR B 180 -16.25 34.67 -18.13
C THR B 180 -16.57 35.87 -19.01
N LEU B 181 -17.87 36.11 -19.20
CA LEU B 181 -18.42 37.25 -19.93
C LEU B 181 -19.45 37.96 -19.07
N SER B 182 -19.69 39.24 -19.38
CA SER B 182 -20.87 39.86 -18.83
C SER B 182 -22.14 39.20 -19.37
N LYS B 183 -23.24 39.33 -18.62
CA LYS B 183 -24.52 38.85 -19.12
C LYS B 183 -24.87 39.53 -20.43
N ALA B 184 -24.61 40.84 -20.53
CA ALA B 184 -24.93 41.57 -21.75
C ALA B 184 -24.19 40.98 -22.95
N ASP B 185 -22.90 40.69 -22.79
CA ASP B 185 -22.13 40.08 -23.88
C ASP B 185 -22.63 38.68 -24.19
N TYR B 186 -22.91 37.89 -23.15
CA TYR B 186 -23.37 36.52 -23.36
C TYR B 186 -24.65 36.49 -24.19
N GLU B 187 -25.59 37.37 -23.89
CA GLU B 187 -26.87 37.35 -24.59
C GLU B 187 -26.79 37.96 -25.97
N LYS B 188 -25.64 38.50 -26.36
CA LYS B 188 -25.46 39.01 -27.72
C LYS B 188 -24.97 37.94 -28.69
N HIS B 189 -24.67 36.73 -28.21
CA HIS B 189 -24.09 35.71 -29.07
C HIS B 189 -24.81 34.39 -28.92
N LYS B 190 -24.61 33.53 -29.91
CA LYS B 190 -25.35 32.28 -30.00
C LYS B 190 -24.49 31.04 -29.76
N VAL B 191 -23.38 30.86 -30.49
CA VAL B 191 -22.64 29.60 -30.48
C VAL B 191 -21.46 29.72 -29.52
N TYR B 192 -21.46 28.88 -28.49
CA TYR B 192 -20.38 28.79 -27.51
C TYR B 192 -19.70 27.44 -27.64
N ALA B 193 -18.38 27.45 -27.83
CA ALA B 193 -17.68 26.20 -28.15
C ALA B 193 -16.34 26.13 -27.46
N CYS B 194 -16.01 24.94 -26.98
CA CYS B 194 -14.72 24.59 -26.41
C CYS B 194 -14.08 23.57 -27.34
N GLU B 195 -12.89 23.88 -27.87
CA GLU B 195 -12.16 22.97 -28.73
C GLU B 195 -10.90 22.48 -28.03
N VAL B 196 -10.72 21.17 -27.97
CA VAL B 196 -9.67 20.54 -27.17
C VAL B 196 -8.68 19.85 -28.09
N THR B 197 -7.42 20.21 -27.99
CA THR B 197 -6.32 19.55 -28.69
C THR B 197 -5.50 18.76 -27.69
N HIS B 198 -5.30 17.46 -27.97
CA HIS B 198 -4.53 16.64 -27.06
C HIS B 198 -3.92 15.46 -27.81
N GLN B 199 -2.76 15.01 -27.34
CA GLN B 199 -2.02 13.94 -28.02
C GLN B 199 -2.85 12.67 -28.18
N GLY B 200 -3.76 12.40 -27.25
CA GLY B 200 -4.57 11.20 -27.29
C GLY B 200 -5.76 11.27 -28.22
N LEU B 201 -6.01 12.44 -28.81
CA LEU B 201 -7.10 12.62 -29.75
C LEU B 201 -6.53 12.67 -31.16
N SER B 202 -7.12 11.90 -32.08
CA SER B 202 -6.59 11.89 -33.44
C SER B 202 -6.79 13.21 -34.16
N SER B 203 -7.77 14.01 -33.73
CA SER B 203 -7.93 15.39 -34.17
C SER B 203 -8.75 16.11 -33.10
N PRO B 204 -8.76 17.45 -33.09
CA PRO B 204 -9.37 18.17 -31.96
C PRO B 204 -10.86 17.87 -31.80
N VAL B 205 -11.28 17.85 -30.55
CA VAL B 205 -12.66 17.60 -30.15
C VAL B 205 -13.32 18.92 -29.77
N THR B 206 -14.49 19.20 -30.35
CA THR B 206 -15.26 20.38 -30.01
C THR B 206 -16.56 19.99 -29.31
N LYS B 207 -16.83 20.63 -28.18
CA LYS B 207 -18.12 20.56 -27.50
C LYS B 207 -18.72 21.95 -27.54
N SER B 208 -20.00 22.04 -27.89
CA SER B 208 -20.60 23.35 -28.07
C SER B 208 -22.06 23.31 -27.66
N PHE B 209 -22.61 24.51 -27.42
CA PHE B 209 -24.05 24.70 -27.26
C PHE B 209 -24.46 26.01 -27.91
N ASN B 210 -25.76 26.08 -28.22
CA ASN B 210 -26.38 27.33 -28.67
C ASN B 210 -27.18 27.93 -27.53
N ARG B 211 -26.87 29.18 -27.18
CA ARG B 211 -27.59 29.86 -26.11
C ARG B 211 -29.08 29.83 -26.38
N GLY B 212 -29.85 29.42 -25.38
CA GLY B 212 -31.29 29.43 -25.47
C GLY B 212 -31.90 28.23 -26.16
N GLU B 213 -31.09 27.35 -26.73
CA GLU B 213 -31.57 26.11 -27.31
C GLU B 213 -31.27 24.97 -26.36
N CYS B 214 -31.91 23.83 -26.60
CA CYS B 214 -31.59 22.71 -25.73
C CYS B 214 -30.97 21.56 -26.50
N GLU C 1 -16.71 -29.71 -12.11
CA GLU C 1 -15.54 -28.84 -11.92
C GLU C 1 -14.25 -29.57 -12.30
N VAL C 2 -13.32 -28.85 -12.93
CA VAL C 2 -12.00 -29.40 -13.17
C VAL C 2 -11.31 -29.66 -11.84
N GLN C 3 -10.70 -30.83 -11.71
CA GLN C 3 -9.99 -31.19 -10.48
C GLN C 3 -8.73 -31.96 -10.81
N LEU C 4 -7.64 -31.61 -10.12
CA LEU C 4 -6.40 -32.36 -10.16
C LEU C 4 -5.96 -32.60 -8.73
N VAL C 5 -5.76 -33.87 -8.35
CA VAL C 5 -5.43 -34.26 -6.98
C VAL C 5 -4.17 -35.10 -7.00
N GLU C 6 -3.06 -34.53 -6.53
CA GLU C 6 -1.79 -35.24 -6.46
C GLU C 6 -1.72 -36.10 -5.20
N SER C 7 -0.98 -37.20 -5.32
CA SER C 7 -0.72 -38.05 -4.16
C SER C 7 0.64 -38.69 -4.36
N GLY C 8 1.15 -39.33 -3.29
CA GLY C 8 2.37 -40.10 -3.36
C GLY C 8 3.60 -39.41 -2.77
N GLY C 9 3.49 -38.13 -2.42
CA GLY C 9 4.64 -37.42 -1.88
C GLY C 9 4.96 -37.87 -0.48
N GLY C 10 6.24 -37.75 -0.13
CA GLY C 10 6.65 -38.11 1.21
C GLY C 10 8.14 -38.08 1.37
N LEU C 11 8.58 -38.67 2.48
CA LEU C 11 9.98 -38.71 2.85
C LEU C 11 10.69 -39.86 2.13
N VAL C 12 11.85 -39.58 1.55
CA VAL C 12 12.58 -40.62 0.80
C VAL C 12 14.07 -40.38 0.94
N GLN C 13 14.84 -41.49 1.07
CA GLN C 13 16.28 -41.40 1.25
C GLN C 13 16.94 -40.78 0.01
N PRO C 14 17.99 -39.99 0.19
CA PRO C 14 18.82 -39.59 -0.95
C PRO C 14 19.26 -40.80 -1.76
N GLY C 15 19.08 -40.70 -3.08
CA GLY C 15 19.32 -41.80 -3.97
C GLY C 15 18.14 -42.72 -4.15
N GLY C 16 17.06 -42.52 -3.40
CA GLY C 16 15.88 -43.36 -3.48
C GLY C 16 14.98 -42.97 -4.63
N SER C 17 13.84 -43.65 -4.70
CA SER C 17 12.86 -43.47 -5.77
C SER C 17 11.49 -43.18 -5.17
N LEU C 18 10.66 -42.50 -5.95
CA LEU C 18 9.30 -42.18 -5.53
C LEU C 18 8.46 -42.03 -6.79
N ARG C 19 7.19 -42.43 -6.70
CA ARG C 19 6.24 -42.24 -7.79
C ARG C 19 5.08 -41.39 -7.31
N LEU C 20 4.84 -40.28 -8.00
CA LEU C 20 3.69 -39.44 -7.71
C LEU C 20 2.56 -39.76 -8.68
N SER C 21 1.34 -39.51 -8.23
CA SER C 21 0.17 -39.69 -9.08
C SER C 21 -0.69 -38.45 -8.99
N CYS C 22 -1.42 -38.20 -10.07
CA CYS C 22 -2.33 -37.06 -10.15
C CYS C 22 -3.61 -37.55 -10.79
N ALA C 23 -4.71 -37.50 -10.04
CA ALA C 23 -6.00 -37.96 -10.51
C ALA C 23 -6.77 -36.79 -11.09
N ALA C 24 -7.11 -36.87 -12.37
CA ALA C 24 -7.84 -35.82 -13.05
C ALA C 24 -9.31 -36.18 -13.14
N SER C 25 -10.16 -35.16 -13.04
CA SER C 25 -11.60 -35.34 -13.17
C SER C 25 -12.23 -34.03 -13.62
N GLY C 26 -13.45 -34.14 -14.17
CA GLY C 26 -14.18 -32.96 -14.58
C GLY C 26 -13.82 -32.43 -15.95
N PHE C 27 -13.05 -33.18 -16.73
CA PHE C 27 -12.72 -32.81 -18.10
C PHE C 27 -12.22 -34.06 -18.81
N THR C 28 -12.12 -33.98 -20.13
CA THR C 28 -11.65 -35.11 -20.93
C THR C 28 -10.13 -35.10 -20.86
N PHE C 29 -9.60 -35.85 -19.88
CA PHE C 29 -8.17 -35.92 -19.62
C PHE C 29 -7.38 -36.21 -20.90
N SER C 30 -7.83 -37.18 -21.69
CA SER C 30 -7.06 -37.58 -22.86
C SER C 30 -6.93 -36.48 -23.91
N ASP C 31 -7.66 -35.38 -23.77
CA ASP C 31 -7.57 -34.27 -24.72
C ASP C 31 -6.50 -33.25 -24.35
N TYR C 32 -5.82 -33.40 -23.21
CA TYR C 32 -4.99 -32.33 -22.67
C TYR C 32 -3.55 -32.78 -22.51
N TYR C 33 -2.64 -31.88 -22.88
CA TYR C 33 -1.23 -32.01 -22.53
C TYR C 33 -1.07 -31.66 -21.05
N MET C 34 -0.12 -32.32 -20.37
CA MET C 34 0.02 -32.19 -18.91
C MET C 34 1.47 -31.94 -18.51
N TYR C 35 1.62 -31.26 -17.37
CA TYR C 35 2.91 -30.91 -16.79
C TYR C 35 3.00 -31.42 -15.36
N TRP C 36 4.22 -31.70 -14.91
CA TRP C 36 4.58 -31.63 -13.50
C TRP C 36 5.43 -30.38 -13.32
N VAL C 37 5.13 -29.59 -12.28
CA VAL C 37 5.87 -28.38 -11.94
C VAL C 37 6.16 -28.40 -10.44
N ARG C 38 7.37 -28.01 -10.05
CA ARG C 38 7.73 -28.13 -8.65
C ARG C 38 8.17 -26.78 -8.09
N GLN C 39 8.18 -26.72 -6.75
CA GLN C 39 8.49 -25.49 -6.03
C GLN C 39 9.23 -25.88 -4.78
N ALA C 40 10.52 -25.62 -4.76
CA ALA C 40 11.33 -25.87 -3.57
C ALA C 40 10.93 -24.91 -2.46
N PRO C 41 11.12 -25.30 -1.18
CA PRO C 41 10.68 -24.44 -0.08
C PRO C 41 11.20 -23.02 -0.20
N GLY C 42 10.29 -22.05 -0.24
CA GLY C 42 10.65 -20.65 -0.37
C GLY C 42 11.19 -20.20 -1.71
N LYS C 43 11.12 -21.05 -2.75
CA LYS C 43 11.67 -20.69 -4.04
C LYS C 43 10.55 -20.55 -5.08
N GLY C 44 10.94 -20.39 -6.34
CA GLY C 44 9.99 -20.19 -7.43
C GLY C 44 9.52 -21.48 -8.07
N LEU C 45 8.94 -21.34 -9.27
CA LEU C 45 8.36 -22.46 -9.99
C LEU C 45 9.33 -22.98 -11.04
N GLU C 46 9.38 -24.32 -11.15
CA GLU C 46 10.21 -25.00 -12.15
C GLU C 46 9.41 -26.15 -12.76
N TRP C 47 9.08 -26.08 -14.06
CA TRP C 47 8.49 -27.26 -14.67
C TRP C 47 9.55 -28.36 -14.79
N VAL C 48 9.14 -29.60 -14.56
CA VAL C 48 10.11 -30.70 -14.58
C VAL C 48 9.69 -31.84 -15.49
N ALA C 49 8.45 -31.83 -16.00
CA ALA C 49 8.08 -32.88 -16.93
C ALA C 49 6.87 -32.46 -17.74
N TYR C 50 6.84 -32.89 -19.00
CA TYR C 50 5.81 -32.55 -19.96
C TYR C 50 5.48 -33.77 -20.80
N ILE C 51 4.20 -34.01 -21.05
CA ILE C 51 3.79 -35.19 -21.80
C ILE C 51 2.65 -34.84 -22.74
N THR C 52 2.64 -35.47 -23.93
CA THR C 52 1.61 -35.19 -24.91
C THR C 52 0.29 -35.86 -24.51
N LYS C 53 -0.78 -35.52 -25.23
CA LYS C 53 -2.11 -35.99 -24.82
C LYS C 53 -2.22 -37.50 -24.93
N GLY C 54 -1.58 -38.11 -25.93
CA GLY C 54 -1.61 -39.54 -26.08
C GLY C 54 -0.56 -40.30 -25.31
N GLY C 55 0.38 -39.60 -24.68
CA GLY C 55 1.44 -40.23 -23.93
C GLY C 55 2.67 -40.58 -24.74
N GLY C 56 2.66 -40.33 -26.05
CA GLY C 56 3.72 -40.84 -26.91
C GLY C 56 5.04 -40.10 -26.86
N SER C 57 5.04 -38.85 -26.39
CA SER C 57 6.29 -38.10 -26.30
C SER C 57 6.36 -37.39 -24.96
N THR C 58 7.58 -37.27 -24.45
CA THR C 58 7.86 -36.68 -23.14
C THR C 58 9.02 -35.70 -23.24
N TYR C 59 9.01 -34.70 -22.38
CA TYR C 59 10.03 -33.65 -22.37
C TYR C 59 10.40 -33.33 -20.93
N TYR C 60 11.68 -33.07 -20.68
CA TYR C 60 12.21 -32.80 -19.35
C TYR C 60 13.31 -31.77 -19.44
N PRO C 61 13.43 -30.90 -18.44
CA PRO C 61 14.59 -30.02 -18.36
C PRO C 61 15.82 -30.78 -17.91
N ASP C 62 16.99 -30.15 -18.10
CA ASP C 62 18.25 -30.81 -17.80
C ASP C 62 18.38 -31.16 -16.31
N SER C 63 17.70 -30.41 -15.44
CA SER C 63 17.86 -30.64 -14.01
C SER C 63 17.40 -32.03 -13.59
N VAL C 64 16.47 -32.62 -14.32
CA VAL C 64 15.91 -33.92 -13.97
C VAL C 64 16.06 -34.96 -15.07
N LYS C 65 16.65 -34.60 -16.21
CA LYS C 65 16.72 -35.51 -17.34
C LYS C 65 17.50 -36.77 -16.98
N GLY C 66 16.96 -37.93 -17.36
CA GLY C 66 17.54 -39.21 -17.02
C GLY C 66 17.13 -39.75 -15.67
N ARG C 67 16.49 -38.94 -14.82
CA ARG C 67 16.04 -39.39 -13.51
C ARG C 67 14.53 -39.40 -13.35
N PHE C 68 13.79 -38.57 -14.08
CA PHE C 68 12.34 -38.48 -13.95
C PHE C 68 11.68 -39.08 -15.19
N THR C 69 10.52 -39.70 -14.98
CA THR C 69 9.71 -40.23 -16.07
C THR C 69 8.26 -39.84 -15.85
N ILE C 70 7.69 -39.10 -16.79
CA ILE C 70 6.28 -38.76 -16.76
C ILE C 70 5.54 -39.77 -17.64
N SER C 71 4.38 -40.22 -17.17
CA SER C 71 3.55 -41.16 -17.90
C SER C 71 2.11 -40.85 -17.57
N ARG C 72 1.19 -41.43 -18.34
CA ARG C 72 -0.23 -41.24 -18.10
C ARG C 72 -0.99 -42.51 -18.45
N ASP C 73 -2.11 -42.69 -17.77
CA ASP C 73 -3.10 -43.73 -18.04
C ASP C 73 -4.39 -43.00 -18.41
N ASN C 74 -4.61 -42.82 -19.71
CA ASN C 74 -5.77 -42.06 -20.16
C ASN C 74 -7.08 -42.77 -19.83
N ALA C 75 -7.05 -44.11 -19.78
CA ALA C 75 -8.23 -44.87 -19.42
C ALA C 75 -8.68 -44.57 -17.99
N LYS C 76 -7.73 -44.42 -17.07
CA LYS C 76 -8.03 -44.23 -15.66
C LYS C 76 -7.85 -42.79 -15.20
N ASN C 77 -7.65 -41.85 -16.13
CA ASN C 77 -7.55 -40.42 -15.82
C ASN C 77 -6.47 -40.14 -14.79
N THR C 78 -5.27 -40.67 -15.02
CA THR C 78 -4.18 -40.50 -14.06
C THR C 78 -2.89 -40.10 -14.76
N LEU C 79 -2.20 -39.12 -14.17
CA LEU C 79 -0.85 -38.72 -14.54
C LEU C 79 0.12 -39.23 -13.48
N TYR C 80 1.34 -39.60 -13.92
CA TYR C 80 2.36 -40.18 -13.05
C TYR C 80 3.68 -39.46 -13.22
N LEU C 81 4.47 -39.41 -12.13
CA LEU C 81 5.85 -38.95 -12.18
C LEU C 81 6.71 -39.93 -11.40
N GLN C 82 7.55 -40.70 -12.11
CA GLN C 82 8.50 -41.59 -11.47
C GLN C 82 9.81 -40.83 -11.27
N MET C 83 10.26 -40.69 -10.03
CA MET C 83 11.48 -39.95 -9.72
C MET C 83 12.52 -40.92 -9.18
N ASN C 84 13.66 -41.02 -9.86
CA ASN C 84 14.72 -41.90 -9.41
C ASN C 84 15.94 -41.08 -9.00
N SER C 85 16.85 -41.73 -8.26
CA SER C 85 18.13 -41.14 -7.85
C SER C 85 17.93 -39.76 -7.23
N LEU C 86 17.02 -39.70 -6.25
CA LEU C 86 16.58 -38.41 -5.74
C LEU C 86 17.71 -37.71 -4.97
N ARG C 87 17.73 -36.38 -5.07
CA ARG C 87 18.73 -35.55 -4.43
C ARG C 87 18.07 -34.56 -3.48
N ALA C 88 18.88 -34.00 -2.57
CA ALA C 88 18.37 -33.01 -1.63
C ALA C 88 17.71 -31.85 -2.36
N GLU C 89 18.24 -31.46 -3.53
CA GLU C 89 17.68 -30.36 -4.28
C GLU C 89 16.34 -30.69 -4.93
N ASP C 90 15.93 -31.96 -4.94
CA ASP C 90 14.61 -32.33 -5.43
C ASP C 90 13.52 -32.15 -4.39
N THR C 91 13.87 -31.82 -3.14
CA THR C 91 12.87 -31.51 -2.14
C THR C 91 12.02 -30.33 -2.57
N ALA C 92 10.71 -30.54 -2.65
CA ALA C 92 9.84 -29.52 -3.26
C ALA C 92 8.40 -29.96 -3.12
N VAL C 93 7.48 -29.00 -3.27
CA VAL C 93 6.09 -29.35 -3.55
C VAL C 93 5.96 -29.56 -5.05
N TYR C 94 5.35 -30.69 -5.43
CA TYR C 94 5.20 -31.08 -6.84
C TYR C 94 3.76 -30.88 -7.24
N TYR C 95 3.55 -30.12 -8.30
CA TYR C 95 2.22 -29.80 -8.81
C TYR C 95 1.98 -30.50 -10.13
N CYS C 96 0.78 -31.08 -10.23
CA CYS C 96 0.19 -31.49 -11.50
C CYS C 96 -0.48 -30.28 -12.15
N ALA C 97 -0.20 -30.05 -13.44
CA ALA C 97 -0.73 -28.85 -14.10
C ALA C 97 -1.23 -29.20 -15.49
N ARG C 98 -2.43 -28.71 -15.80
CA ARG C 98 -3.03 -28.92 -17.12
C ARG C 98 -2.58 -27.83 -18.08
N GLN C 99 -2.17 -28.22 -19.28
CA GLN C 99 -1.86 -27.21 -20.28
C GLN C 99 -3.13 -26.71 -20.95
N THR C 100 -3.21 -25.39 -21.12
CA THR C 100 -4.38 -24.75 -21.70
C THR C 100 -4.68 -25.33 -23.07
N ASN C 101 -5.95 -25.63 -23.31
CA ASN C 101 -6.40 -26.11 -24.61
C ASN C 101 -5.97 -25.13 -25.71
N TYR C 102 -5.24 -25.67 -26.70
CA TYR C 102 -4.73 -24.91 -27.85
C TYR C 102 -3.85 -23.73 -27.43
N ASP C 103 -3.10 -23.89 -26.34
CA ASP C 103 -2.13 -22.88 -25.92
C ASP C 103 -1.06 -23.57 -25.09
N PHE C 104 -0.08 -22.79 -24.60
CA PHE C 104 1.07 -23.35 -23.90
C PHE C 104 1.14 -22.92 -22.45
N THR C 105 0.13 -22.23 -21.96
CA THR C 105 0.01 -21.82 -20.56
C THR C 105 -0.56 -22.96 -19.73
N MET C 106 -0.58 -22.76 -18.41
CA MET C 106 -1.01 -23.77 -17.47
C MET C 106 -2.26 -23.26 -16.76
N ASP C 107 -3.45 -23.71 -17.18
CA ASP C 107 -4.68 -23.08 -16.73
C ASP C 107 -5.31 -23.73 -15.51
N TYR C 108 -4.85 -24.91 -15.10
CA TYR C 108 -5.34 -25.56 -13.88
C TYR C 108 -4.20 -26.28 -13.19
N TRP C 109 -4.14 -26.15 -11.86
CA TRP C 109 -3.08 -26.72 -11.05
C TRP C 109 -3.70 -27.46 -9.87
N GLY C 110 -3.13 -28.61 -9.53
CA GLY C 110 -3.53 -29.32 -8.34
C GLY C 110 -3.00 -28.64 -7.08
N GLN C 111 -3.33 -29.23 -5.94
CA GLN C 111 -2.94 -28.67 -4.63
C GLN C 111 -1.46 -28.86 -4.32
N GLY C 112 -0.80 -29.81 -4.97
CA GLY C 112 0.60 -30.08 -4.73
C GLY C 112 0.79 -31.19 -3.71
N THR C 113 1.89 -31.92 -3.87
CA THR C 113 2.30 -32.94 -2.89
C THR C 113 3.76 -32.74 -2.55
N LEU C 114 4.09 -32.79 -1.25
CA LEU C 114 5.44 -32.48 -0.79
C LEU C 114 6.32 -33.72 -0.82
N VAL C 115 7.53 -33.57 -1.38
CA VAL C 115 8.56 -34.60 -1.42
C VAL C 115 9.75 -34.09 -0.61
N THR C 116 10.20 -34.88 0.37
CA THR C 116 11.31 -34.49 1.23
C THR C 116 12.42 -35.53 1.07
N VAL C 117 13.58 -35.11 0.59
CA VAL C 117 14.70 -36.04 0.34
C VAL C 117 15.68 -35.88 1.50
N SER C 118 15.79 -36.91 2.33
CA SER C 118 16.48 -36.82 3.61
C SER C 118 16.66 -38.23 4.16
N SER C 119 17.73 -38.42 4.94
CA SER C 119 17.94 -39.67 5.64
C SER C 119 17.47 -39.63 7.08
N ALA C 120 16.88 -38.51 7.51
CA ALA C 120 16.36 -38.43 8.87
C ALA C 120 15.10 -39.26 9.00
N SER C 121 14.85 -39.72 10.22
CA SER C 121 13.70 -40.57 10.51
C SER C 121 12.40 -39.78 10.63
N THR C 122 11.31 -40.43 10.21
CA THR C 122 9.97 -39.97 10.56
C THR C 122 9.78 -39.97 12.06
N LYS C 123 9.25 -38.87 12.60
CA LYS C 123 8.93 -38.77 14.02
C LYS C 123 7.64 -37.98 14.21
N GLY C 124 6.70 -38.55 14.95
CA GLY C 124 5.45 -37.89 15.25
C GLY C 124 5.58 -36.85 16.35
N PRO C 125 4.73 -35.84 16.32
CA PRO C 125 4.81 -34.75 17.30
C PRO C 125 4.17 -35.12 18.63
N SER C 126 4.57 -34.37 19.66
CA SER C 126 3.79 -34.25 20.88
C SER C 126 2.93 -33.00 20.79
N VAL C 127 1.74 -33.04 21.38
CA VAL C 127 0.81 -31.90 21.31
C VAL C 127 0.52 -31.43 22.74
N PHE C 128 0.80 -30.15 23.00
CA PHE C 128 0.58 -29.60 24.32
C PHE C 128 -0.38 -28.42 24.24
N PRO C 129 -1.21 -28.20 25.26
CA PRO C 129 -2.14 -27.07 25.22
C PRO C 129 -1.46 -25.75 25.53
N LEU C 130 -1.99 -24.71 24.92
CA LEU C 130 -1.65 -23.33 25.25
C LEU C 130 -2.88 -22.78 25.96
N ALA C 131 -2.89 -22.89 27.27
CA ALA C 131 -4.10 -22.69 28.05
C ALA C 131 -4.45 -21.20 28.11
N PRO C 132 -5.70 -20.82 27.87
CA PRO C 132 -6.08 -19.41 27.93
C PRO C 132 -5.95 -18.87 29.34
N SER C 133 -5.40 -17.66 29.45
CA SER C 133 -5.08 -17.02 30.73
C SER C 133 -6.22 -16.99 31.74
N THR C 141 -11.82 -10.81 25.15
CA THR C 141 -11.14 -11.61 24.13
C THR C 141 -9.96 -12.37 24.72
N ALA C 142 -9.97 -13.68 24.54
CA ALA C 142 -8.92 -14.55 25.03
C ALA C 142 -8.24 -15.28 23.87
N ALA C 143 -7.04 -15.77 24.12
CA ALA C 143 -6.32 -16.58 23.16
C ALA C 143 -5.98 -17.92 23.78
N LEU C 144 -6.08 -18.97 22.97
CA LEU C 144 -5.67 -20.30 23.38
C LEU C 144 -5.05 -20.96 22.17
N GLY C 145 -4.45 -22.13 22.37
CA GLY C 145 -3.84 -22.79 21.24
C GLY C 145 -3.28 -24.14 21.58
N CYS C 146 -2.57 -24.70 20.61
CA CYS C 146 -1.87 -25.97 20.75
C CYS C 146 -0.46 -25.83 20.23
N LEU C 147 0.49 -26.33 20.99
CA LEU C 147 1.89 -26.40 20.60
C LEU C 147 2.20 -27.81 20.07
N VAL C 148 2.61 -27.89 18.80
CA VAL C 148 2.85 -29.16 18.12
C VAL C 148 4.35 -29.32 17.96
N LYS C 149 4.97 -30.13 18.81
CA LYS C 149 6.41 -30.06 19.01
C LYS C 149 7.10 -31.34 18.58
N ASP C 150 8.27 -31.17 17.94
CA ASP C 150 9.27 -32.22 17.73
C ASP C 150 8.82 -33.27 16.72
N TYR C 151 8.59 -32.87 15.46
CA TYR C 151 8.17 -33.81 14.43
C TYR C 151 9.04 -33.66 13.18
N PHE C 152 8.99 -34.69 12.34
CA PHE C 152 9.70 -34.73 11.07
C PHE C 152 9.09 -35.80 10.19
N PRO C 153 8.94 -35.56 8.89
CA PRO C 153 9.14 -34.32 8.14
C PRO C 153 7.90 -33.43 8.22
N GLU C 154 7.94 -32.32 7.51
CA GLU C 154 6.70 -31.60 7.21
C GLU C 154 5.80 -32.49 6.36
N PRO C 155 4.49 -32.22 6.33
CA PRO C 155 3.77 -31.16 7.04
C PRO C 155 2.85 -31.67 8.12
N VAL C 156 2.33 -30.74 8.90
CA VAL C 156 1.31 -30.98 9.90
C VAL C 156 0.13 -30.09 9.59
N THR C 157 -1.08 -30.60 9.76
CA THR C 157 -2.27 -29.77 9.68
C THR C 157 -2.93 -29.65 11.05
N VAL C 158 -3.54 -28.49 11.29
CA VAL C 158 -4.27 -28.24 12.52
C VAL C 158 -5.62 -27.64 12.15
N SER C 159 -6.68 -28.20 12.70
CA SER C 159 -8.00 -27.58 12.66
C SER C 159 -8.50 -27.46 14.09
N TRP C 160 -9.60 -26.72 14.26
CA TRP C 160 -10.18 -26.50 15.57
C TRP C 160 -11.65 -26.92 15.52
N ASN C 161 -12.05 -27.73 16.51
CA ASN C 161 -13.41 -28.24 16.60
C ASN C 161 -13.85 -28.87 15.27
N SER C 162 -12.97 -29.73 14.74
CA SER C 162 -13.24 -30.50 13.52
C SER C 162 -13.63 -29.61 12.34
N GLY C 163 -13.02 -28.43 12.27
CA GLY C 163 -13.26 -27.51 11.19
C GLY C 163 -14.39 -26.53 11.42
N ALA C 164 -15.11 -26.65 12.53
CA ALA C 164 -16.21 -25.71 12.80
C ALA C 164 -15.67 -24.33 13.16
N LEU C 165 -14.54 -24.27 13.85
CA LEU C 165 -13.94 -23.02 14.30
C LEU C 165 -12.81 -22.63 13.34
N THR C 166 -13.02 -21.54 12.60
CA THR C 166 -12.03 -21.07 11.63
C THR C 166 -11.65 -19.61 11.81
N SER C 167 -12.58 -18.76 12.23
CA SER C 167 -12.25 -17.34 12.34
C SER C 167 -11.35 -17.10 13.54
N GLY C 168 -10.36 -16.24 13.36
CA GLY C 168 -9.42 -15.96 14.42
C GLY C 168 -8.33 -16.99 14.62
N VAL C 169 -8.29 -18.04 13.80
CA VAL C 169 -7.25 -19.06 13.93
C VAL C 169 -6.00 -18.58 13.20
N HIS C 170 -4.85 -18.76 13.83
CA HIS C 170 -3.55 -18.58 13.19
C HIS C 170 -2.73 -19.84 13.45
N THR C 171 -2.43 -20.59 12.39
CA THR C 171 -1.51 -21.72 12.46
C THR C 171 -0.17 -21.25 11.90
N PHE C 172 0.86 -21.19 12.77
CA PHE C 172 2.13 -20.60 12.39
C PHE C 172 2.93 -21.57 11.51
N PRO C 173 3.69 -21.02 10.57
CA PRO C 173 4.70 -21.82 9.85
C PRO C 173 5.61 -22.52 10.85
N ALA C 174 5.97 -23.76 10.51
CA ALA C 174 6.87 -24.51 11.37
C ALA C 174 8.23 -23.86 11.40
N VAL C 175 8.93 -23.99 12.52
CA VAL C 175 10.33 -23.61 12.61
C VAL C 175 11.17 -24.85 12.84
N LEU C 176 12.32 -24.89 12.18
CA LEU C 176 13.30 -25.95 12.39
C LEU C 176 14.08 -25.65 13.68
N GLN C 177 14.01 -26.57 14.65
CA GLN C 177 14.64 -26.36 15.94
C GLN C 177 16.10 -26.79 15.91
N SER C 178 16.82 -26.45 17.00
CA SER C 178 18.22 -26.82 17.09
C SER C 178 18.42 -28.32 16.97
N SER C 179 17.42 -29.12 17.36
CA SER C 179 17.47 -30.57 17.26
C SER C 179 17.34 -31.09 15.82
N GLY C 180 16.94 -30.24 14.88
CA GLY C 180 16.58 -30.73 13.56
C GLY C 180 15.16 -31.23 13.45
N LEU C 181 14.36 -31.14 14.50
CA LEU C 181 12.93 -31.44 14.43
C LEU C 181 12.15 -30.14 14.30
N TYR C 182 10.97 -30.22 13.68
CA TYR C 182 10.10 -29.05 13.55
C TYR C 182 9.22 -28.86 14.78
N SER C 183 8.75 -27.62 14.94
CA SER C 183 7.73 -27.31 15.94
C SER C 183 6.86 -26.19 15.39
N LEU C 184 5.58 -26.21 15.74
CA LEU C 184 4.72 -25.08 15.40
C LEU C 184 3.63 -24.92 16.46
N SER C 185 3.00 -23.76 16.46
CA SER C 185 1.85 -23.52 17.30
C SER C 185 0.66 -23.13 16.42
N SER C 186 -0.53 -23.51 16.85
CA SER C 186 -1.78 -23.01 16.30
C SER C 186 -2.55 -22.33 17.42
N VAL C 187 -3.01 -21.10 17.18
CA VAL C 187 -3.69 -20.32 18.19
C VAL C 187 -5.01 -19.82 17.62
N VAL C 188 -5.94 -19.50 18.52
CA VAL C 188 -7.22 -18.91 18.13
C VAL C 188 -7.61 -17.91 19.22
N THR C 189 -8.16 -16.77 18.79
CA THR C 189 -8.71 -15.80 19.73
C THR C 189 -10.22 -15.98 19.78
N VAL C 190 -10.76 -16.06 20.98
CA VAL C 190 -12.17 -16.33 21.21
C VAL C 190 -12.70 -15.37 22.27
N PRO C 191 -14.01 -15.13 22.30
CA PRO C 191 -14.59 -14.35 23.39
C PRO C 191 -14.36 -15.05 24.72
N SER C 192 -13.82 -14.32 25.69
CA SER C 192 -13.60 -14.91 27.00
C SER C 192 -14.90 -15.28 27.70
N SER C 193 -16.04 -14.84 27.16
CA SER C 193 -17.33 -15.35 27.62
C SER C 193 -17.36 -16.87 27.59
N SER C 194 -16.87 -17.47 26.50
CA SER C 194 -17.08 -18.87 26.20
C SER C 194 -16.11 -19.81 26.91
N LEU C 195 -15.16 -19.29 27.68
CA LEU C 195 -14.09 -20.14 28.20
C LEU C 195 -14.63 -21.18 29.18
N GLY C 196 -15.72 -20.88 29.88
CA GLY C 196 -16.30 -21.85 30.78
C GLY C 196 -17.37 -22.71 30.13
N THR C 197 -17.88 -22.26 28.99
CA THR C 197 -19.02 -22.92 28.36
C THR C 197 -18.69 -23.68 27.08
N GLN C 198 -17.79 -23.18 26.24
CA GLN C 198 -17.53 -23.76 24.94
C GLN C 198 -16.26 -24.60 24.96
N THR C 199 -16.34 -25.78 24.36
CA THR C 199 -15.21 -26.70 24.28
C THR C 199 -14.32 -26.34 23.11
N TYR C 200 -13.01 -26.40 23.34
CA TYR C 200 -12.02 -26.07 22.32
C TYR C 200 -11.04 -27.24 22.19
N ILE C 201 -11.00 -27.84 21.02
CA ILE C 201 -10.17 -29.00 20.74
C ILE C 201 -9.41 -28.73 19.45
N CYS C 202 -8.09 -28.88 19.50
CA CYS C 202 -7.31 -28.80 18.27
C CYS C 202 -7.12 -30.21 17.71
N ASN C 203 -7.33 -30.34 16.41
CA ASN C 203 -7.23 -31.59 15.67
C ASN C 203 -5.93 -31.53 14.87
N VAL C 204 -4.91 -32.24 15.36
CA VAL C 204 -3.58 -32.28 14.74
C VAL C 204 -3.46 -33.56 13.93
N ASN C 205 -3.00 -33.44 12.68
CA ASN C 205 -2.69 -34.61 11.87
C ASN C 205 -1.28 -34.47 11.32
N HIS C 206 -0.40 -35.40 11.67
CA HIS C 206 0.91 -35.52 11.04
C HIS C 206 0.86 -36.81 10.22
N LYS C 207 0.38 -36.70 8.99
CA LYS C 207 0.23 -37.90 8.17
C LYS C 207 1.53 -38.65 7.93
N PRO C 208 2.71 -38.02 7.79
CA PRO C 208 3.93 -38.81 7.54
C PRO C 208 4.22 -39.84 8.61
N SER C 209 3.78 -39.61 9.86
CA SER C 209 3.99 -40.56 10.94
C SER C 209 2.71 -41.23 11.40
N ASN C 210 1.60 -41.03 10.69
CA ASN C 210 0.33 -41.66 11.06
C ASN C 210 -0.11 -41.23 12.47
N THR C 211 0.18 -39.97 12.82
CA THR C 211 -0.11 -39.44 14.15
C THR C 211 -1.29 -38.48 14.03
N LYS C 212 -2.42 -38.86 14.61
CA LYS C 212 -3.59 -37.99 14.71
C LYS C 212 -3.90 -37.79 16.18
N VAL C 213 -4.00 -36.53 16.61
CA VAL C 213 -4.22 -36.20 18.00
C VAL C 213 -5.32 -35.14 18.07
N ASP C 214 -6.29 -35.35 18.96
CA ASP C 214 -7.23 -34.31 19.35
C ASP C 214 -6.94 -33.95 20.80
N LYS C 215 -6.78 -32.66 21.07
CA LYS C 215 -6.36 -32.19 22.38
C LYS C 215 -7.38 -31.17 22.88
N LYS C 216 -7.97 -31.45 24.03
CA LYS C 216 -8.84 -30.47 24.68
C LYS C 216 -7.98 -29.41 25.35
N VAL C 217 -8.30 -28.15 25.09
CA VAL C 217 -7.57 -27.01 25.66
C VAL C 217 -8.53 -26.27 26.57
N GLU C 218 -8.16 -26.13 27.84
CA GLU C 218 -9.04 -25.53 28.82
C GLU C 218 -8.22 -24.80 29.87
N PRO C 219 -8.83 -23.84 30.61
CA PRO C 219 -8.10 -23.09 31.64
C PRO C 219 -7.34 -23.98 32.61
N LYS C 220 -6.25 -23.48 33.18
CA LYS C 220 -5.28 -24.36 33.81
C LYS C 220 -5.61 -24.56 35.29
N SER C 221 -4.72 -25.25 36.01
CA SER C 221 -5.01 -26.00 37.21
C SER C 221 -4.52 -25.24 38.44
N CYS C 222 -5.44 -24.48 39.04
CA CYS C 222 -5.16 -23.80 40.30
C CYS C 222 -6.45 -23.57 41.08
N GLU D 1 18.38 -21.24 -22.61
CA GLU D 1 17.00 -20.91 -22.27
C GLU D 1 16.80 -19.41 -22.14
N ILE D 2 15.57 -18.95 -22.34
CA ILE D 2 15.26 -17.54 -22.19
C ILE D 2 15.05 -17.24 -20.72
N VAL D 3 15.82 -16.30 -20.20
CA VAL D 3 15.79 -15.97 -18.78
C VAL D 3 14.74 -14.88 -18.56
N MET D 4 13.80 -15.15 -17.66
CA MET D 4 12.80 -14.18 -17.25
C MET D 4 13.19 -13.62 -15.89
N THR D 5 13.32 -12.30 -15.80
CA THR D 5 13.76 -11.62 -14.59
C THR D 5 12.66 -10.69 -14.09
N GLN D 6 12.23 -10.88 -12.85
CA GLN D 6 11.27 -10.01 -12.21
C GLN D 6 11.98 -9.19 -11.13
N SER D 7 11.94 -7.87 -11.27
CA SER D 7 12.55 -7.00 -10.27
C SER D 7 11.65 -5.78 -10.13
N PRO D 8 11.24 -5.40 -8.90
CA PRO D 8 11.82 -5.90 -7.65
C PRO D 8 11.21 -7.21 -7.17
N ALA D 9 11.89 -7.89 -6.26
CA ALA D 9 11.38 -9.14 -5.75
C ALA D 9 10.25 -8.97 -4.75
N THR D 10 10.13 -7.78 -4.13
CA THR D 10 9.07 -7.48 -3.18
C THR D 10 8.54 -6.08 -3.45
N LEU D 11 7.26 -5.89 -3.18
CA LEU D 11 6.61 -4.61 -3.41
C LEU D 11 5.60 -4.38 -2.30
N SER D 12 5.59 -3.18 -1.71
CA SER D 12 4.63 -2.82 -0.67
C SER D 12 3.80 -1.63 -1.17
N VAL D 13 2.52 -1.88 -1.44
CA VAL D 13 1.64 -0.91 -2.09
C VAL D 13 0.36 -0.76 -1.28
N SER D 14 -0.16 0.47 -1.22
CA SER D 14 -1.28 0.74 -0.33
C SER D 14 -2.60 0.26 -0.94
N PRO D 15 -3.57 -0.11 -0.09
CA PRO D 15 -4.87 -0.55 -0.61
C PRO D 15 -5.50 0.55 -1.45
N GLY D 16 -6.12 0.15 -2.55
CA GLY D 16 -6.76 1.07 -3.47
C GLY D 16 -5.87 1.68 -4.51
N GLU D 17 -4.54 1.60 -4.33
CA GLU D 17 -3.59 2.11 -5.31
C GLU D 17 -3.28 1.05 -6.37
N ARG D 18 -2.44 1.42 -7.35
CA ARG D 18 -2.00 0.51 -8.39
C ARG D 18 -0.65 -0.07 -8.03
N ALA D 19 -0.51 -1.38 -8.16
CA ALA D 19 0.78 -2.04 -8.07
C ALA D 19 1.28 -2.31 -9.48
N THR D 20 2.52 -1.92 -9.75
CA THR D 20 3.12 -2.14 -11.07
C THR D 20 4.29 -3.11 -10.93
N LEU D 21 4.17 -4.29 -11.55
CA LEU D 21 5.19 -5.34 -11.46
C LEU D 21 5.90 -5.50 -12.79
N SER D 22 7.21 -5.76 -12.74
CA SER D 22 8.03 -5.80 -13.94
C SER D 22 8.55 -7.20 -14.24
N CYS D 23 8.65 -7.52 -15.53
CA CYS D 23 9.12 -8.81 -16.01
C CYS D 23 9.92 -8.58 -17.28
N LYS D 24 11.19 -9.00 -17.29
CA LYS D 24 12.07 -8.75 -18.42
C LYS D 24 12.61 -10.06 -18.97
N ALA D 25 12.60 -10.20 -20.29
CA ALA D 25 13.10 -11.39 -20.97
C ALA D 25 14.49 -11.13 -21.54
N SER D 26 15.33 -12.17 -21.50
CA SER D 26 16.70 -12.01 -21.97
C SER D 26 16.78 -11.89 -23.49
N GLN D 27 15.72 -12.24 -24.20
CA GLN D 27 15.62 -12.02 -25.63
C GLN D 27 14.15 -11.89 -25.99
N ASP D 28 13.88 -11.50 -27.23
CA ASP D 28 12.52 -11.17 -27.64
C ASP D 28 11.61 -12.39 -27.52
N VAL D 29 10.43 -12.20 -26.91
CA VAL D 29 9.49 -13.29 -26.74
C VAL D 29 8.13 -12.88 -27.31
N GLY D 30 8.11 -11.86 -28.17
CA GLY D 30 6.87 -11.40 -28.75
C GLY D 30 5.89 -10.93 -27.71
N THR D 31 4.69 -11.53 -27.72
CA THR D 31 3.69 -11.33 -26.67
C THR D 31 3.34 -12.66 -25.99
N SER D 32 4.20 -13.67 -26.11
CA SER D 32 3.90 -15.00 -25.55
C SER D 32 4.34 -15.04 -24.08
N VAL D 33 3.69 -14.20 -23.29
CA VAL D 33 3.99 -14.06 -21.87
C VAL D 33 2.70 -14.24 -21.09
N ALA D 34 2.76 -15.00 -20.00
CA ALA D 34 1.66 -15.17 -19.08
C ALA D 34 2.07 -14.73 -17.69
N TRP D 35 1.07 -14.44 -16.86
CA TRP D 35 1.25 -14.05 -15.46
C TRP D 35 0.39 -14.94 -14.58
N TYR D 36 0.96 -15.36 -13.45
CA TYR D 36 0.30 -16.23 -12.49
C TYR D 36 0.34 -15.61 -11.12
N GLN D 37 -0.72 -15.86 -10.35
CA GLN D 37 -0.84 -15.42 -8.96
C GLN D 37 -0.76 -16.64 -8.06
N GLN D 38 0.11 -16.60 -7.06
CA GLN D 38 0.19 -17.73 -6.12
C GLN D 38 0.06 -17.19 -4.71
N LYS D 39 -1.09 -17.45 -4.09
CA LYS D 39 -1.34 -17.08 -2.70
C LYS D 39 -0.70 -18.12 -1.79
N PRO D 40 -0.38 -17.76 -0.54
CA PRO D 40 0.34 -18.71 0.32
C PRO D 40 -0.48 -19.97 0.54
N GLY D 41 0.20 -21.12 0.40
CA GLY D 41 -0.43 -22.40 0.61
C GLY D 41 -1.26 -22.89 -0.56
N GLN D 42 -1.37 -22.10 -1.61
CA GLN D 42 -2.21 -22.44 -2.75
C GLN D 42 -1.35 -22.67 -3.98
N ALA D 43 -1.98 -23.26 -4.98
CA ALA D 43 -1.37 -23.43 -6.29
C ALA D 43 -1.46 -22.14 -7.08
N PRO D 44 -0.58 -21.95 -8.06
CA PRO D 44 -0.68 -20.75 -8.91
C PRO D 44 -1.98 -20.73 -9.71
N ARG D 45 -2.44 -19.52 -10.01
CA ARG D 45 -3.62 -19.29 -10.84
C ARG D 45 -3.22 -18.45 -12.04
N LEU D 46 -3.67 -18.86 -13.23
CA LEU D 46 -3.38 -18.12 -14.45
C LEU D 46 -4.18 -16.82 -14.49
N LEU D 47 -3.50 -15.69 -14.64
CA LEU D 47 -4.13 -14.37 -14.67
C LEU D 47 -4.24 -13.79 -16.06
N ILE D 48 -3.11 -13.72 -16.76
CA ILE D 48 -2.93 -13.04 -18.04
C ILE D 48 -2.23 -13.99 -18.99
N TYR D 49 -2.67 -14.02 -20.25
CA TYR D 49 -1.95 -14.72 -21.30
C TYR D 49 -1.81 -13.78 -22.49
N TRP D 50 -0.93 -14.16 -23.43
CA TRP D 50 -0.68 -13.33 -24.61
C TRP D 50 -0.29 -11.90 -24.21
N ALA D 51 0.36 -11.77 -23.06
CA ALA D 51 0.85 -10.51 -22.51
C ALA D 51 -0.23 -9.56 -21.98
N SER D 52 -1.37 -9.45 -22.68
CA SER D 52 -2.41 -8.51 -22.29
C SER D 52 -3.82 -9.08 -22.18
N ALA D 53 -4.00 -10.37 -22.43
CA ALA D 53 -5.34 -10.94 -22.45
C ALA D 53 -5.68 -11.51 -21.07
N ARG D 54 -6.81 -11.07 -20.53
CA ARG D 54 -7.23 -11.52 -19.21
C ARG D 54 -7.90 -12.89 -19.33
N HIS D 55 -7.44 -13.85 -18.52
CA HIS D 55 -8.08 -15.15 -18.47
C HIS D 55 -9.48 -15.03 -17.87
N THR D 56 -10.36 -15.93 -18.30
CA THR D 56 -11.76 -15.86 -17.85
C THR D 56 -11.84 -15.98 -16.34
N GLY D 57 -12.79 -15.25 -15.76
CA GLY D 57 -12.97 -15.26 -14.32
C GLY D 57 -11.99 -14.42 -13.53
N ILE D 58 -11.02 -13.78 -14.17
CA ILE D 58 -10.04 -12.95 -13.47
C ILE D 58 -10.57 -11.52 -13.37
N PRO D 59 -10.51 -10.88 -12.20
CA PRO D 59 -11.03 -9.51 -12.07
C PRO D 59 -10.36 -8.55 -13.04
N ALA D 60 -11.15 -7.59 -13.52
CA ALA D 60 -10.67 -6.66 -14.54
C ALA D 60 -9.59 -5.70 -14.04
N ARG D 61 -9.37 -5.60 -12.74
CA ARG D 61 -8.31 -4.72 -12.28
C ARG D 61 -6.92 -5.32 -12.49
N PHE D 62 -6.82 -6.57 -12.94
CA PHE D 62 -5.56 -7.16 -13.37
C PHE D 62 -5.39 -6.85 -14.85
N SER D 63 -4.29 -6.18 -15.20
CA SER D 63 -4.02 -5.94 -16.60
C SER D 63 -2.54 -6.15 -16.90
N GLY D 64 -2.27 -6.74 -18.05
CA GLY D 64 -0.92 -6.99 -18.50
C GLY D 64 -0.61 -6.16 -19.73
N SER D 65 0.66 -5.78 -19.87
CA SER D 65 1.09 -5.01 -21.03
C SER D 65 2.51 -5.39 -21.41
N GLY D 66 2.89 -5.01 -22.62
CA GLY D 66 4.24 -5.22 -23.07
C GLY D 66 4.40 -6.06 -24.32
N SER D 67 5.55 -5.93 -24.97
CA SER D 67 5.90 -6.73 -26.13
C SER D 67 7.41 -6.76 -26.23
N GLY D 68 7.92 -7.83 -26.83
CA GLY D 68 9.35 -7.95 -27.03
C GLY D 68 10.06 -8.50 -25.82
N THR D 69 10.71 -7.63 -25.04
CA THR D 69 11.45 -8.09 -23.86
C THR D 69 11.00 -7.48 -22.54
N GLU D 70 10.12 -6.48 -22.55
CA GLU D 70 9.74 -5.80 -21.32
C GLU D 70 8.23 -5.89 -21.12
N PHE D 71 7.82 -6.40 -19.97
CA PHE D 71 6.42 -6.68 -19.68
C PHE D 71 6.06 -6.17 -18.30
N THR D 72 4.77 -5.89 -18.12
CA THR D 72 4.29 -5.32 -16.88
C THR D 72 2.97 -5.96 -16.52
N LEU D 73 2.79 -6.19 -15.22
CA LEU D 73 1.49 -6.54 -14.66
C LEU D 73 1.06 -5.41 -13.75
N THR D 74 -0.12 -4.87 -14.01
CA THR D 74 -0.66 -3.77 -13.22
C THR D 74 -1.90 -4.27 -12.48
N ILE D 75 -1.87 -4.19 -11.17
CA ILE D 75 -2.99 -4.52 -10.30
C ILE D 75 -3.57 -3.20 -9.82
N SER D 76 -4.65 -2.75 -10.44
CA SER D 76 -5.34 -1.55 -9.99
C SER D 76 -6.21 -1.86 -8.77
N SER D 77 -6.57 -0.80 -8.04
CA SER D 77 -7.44 -0.89 -6.87
C SER D 77 -7.07 -2.07 -5.97
N LEU D 78 -5.81 -2.06 -5.54
CA LEU D 78 -5.24 -3.18 -4.78
C LEU D 78 -6.10 -3.54 -3.57
N GLN D 79 -6.40 -4.82 -3.42
CA GLN D 79 -7.22 -5.33 -2.32
C GLN D 79 -6.39 -6.21 -1.41
N SER D 80 -6.88 -6.38 -0.18
CA SER D 80 -6.17 -7.23 0.78
C SER D 80 -5.99 -8.65 0.24
N GLU D 81 -6.98 -9.14 -0.51
CA GLU D 81 -6.89 -10.50 -1.06
C GLU D 81 -5.86 -10.63 -2.17
N ASP D 82 -5.28 -9.53 -2.64
CA ASP D 82 -4.27 -9.60 -3.69
C ASP D 82 -2.88 -9.90 -3.14
N PHE D 83 -2.75 -10.07 -1.83
CA PHE D 83 -1.47 -10.48 -1.29
C PHE D 83 -1.08 -11.82 -1.90
N ALA D 84 0.07 -11.87 -2.57
CA ALA D 84 0.48 -13.08 -3.28
C ALA D 84 1.87 -12.85 -3.86
N VAL D 85 2.46 -13.93 -4.37
CA VAL D 85 3.60 -13.86 -5.27
C VAL D 85 3.09 -13.96 -6.70
N TYR D 86 3.58 -13.07 -7.56
CA TYR D 86 3.17 -13.04 -8.96
C TYR D 86 4.34 -13.47 -9.82
N TYR D 87 4.10 -14.45 -10.70
CA TYR D 87 5.12 -15.00 -11.56
C TYR D 87 4.81 -14.68 -13.02
N CYS D 88 5.83 -14.30 -13.77
CA CYS D 88 5.68 -14.24 -15.20
C CYS D 88 6.31 -15.47 -15.85
N GLN D 89 5.97 -15.67 -17.12
CA GLN D 89 6.35 -16.89 -17.80
C GLN D 89 6.38 -16.60 -19.28
N GLN D 90 7.40 -17.10 -19.97
CA GLN D 90 7.40 -17.02 -21.43
C GLN D 90 7.13 -18.39 -22.02
N TYR D 91 6.36 -18.41 -23.11
CA TYR D 91 6.13 -19.64 -23.86
C TYR D 91 6.37 -19.38 -25.34
N SER D 92 7.24 -18.40 -25.63
CA SER D 92 7.58 -18.07 -27.01
C SER D 92 8.39 -19.17 -27.67
N SER D 93 9.28 -19.82 -26.92
CA SER D 93 10.07 -20.91 -27.46
C SER D 93 10.48 -21.86 -26.34
N TYR D 94 10.67 -23.12 -26.74
CA TYR D 94 11.08 -24.18 -25.82
C TYR D 94 12.51 -23.95 -25.35
N PRO D 95 12.80 -24.15 -24.05
CA PRO D 95 11.84 -24.56 -23.02
C PRO D 95 11.10 -23.40 -22.37
N LEU D 96 9.87 -23.66 -21.96
CA LEU D 96 9.14 -22.66 -21.21
C LEU D 96 9.93 -22.31 -19.96
N THR D 97 9.88 -21.03 -19.56
CA THR D 97 10.63 -20.59 -18.40
C THR D 97 9.78 -19.63 -17.58
N PHE D 98 10.04 -19.61 -16.27
CA PHE D 98 9.35 -18.74 -15.34
C PHE D 98 10.30 -17.66 -14.81
N GLY D 99 9.75 -16.48 -14.56
CA GLY D 99 10.42 -15.49 -13.73
C GLY D 99 10.46 -15.90 -12.27
N GLY D 100 11.29 -15.17 -11.51
CA GLY D 100 11.57 -15.50 -10.12
C GLY D 100 10.50 -15.08 -9.12
N GLY D 101 9.55 -14.27 -9.55
CA GLY D 101 8.42 -13.89 -8.73
C GLY D 101 8.62 -12.55 -8.04
N THR D 102 7.51 -11.83 -7.85
CA THR D 102 7.45 -10.62 -7.04
C THR D 102 6.34 -10.79 -6.00
N LYS D 103 6.70 -10.60 -4.74
CA LYS D 103 5.74 -10.71 -3.65
C LYS D 103 5.16 -9.33 -3.35
N VAL D 104 3.85 -9.19 -3.46
CA VAL D 104 3.17 -7.92 -3.24
C VAL D 104 2.55 -7.92 -1.85
N GLU D 105 3.05 -7.03 -0.99
CA GLU D 105 2.46 -6.83 0.33
C GLU D 105 1.50 -5.65 0.29
N ILE D 106 0.39 -5.76 1.01
CA ILE D 106 -0.61 -4.70 1.08
C ILE D 106 -0.23 -3.77 2.22
N LYS D 107 0.07 -2.52 1.89
CA LYS D 107 0.58 -1.58 2.90
C LYS D 107 -0.59 -0.88 3.58
N ARG D 108 -1.23 -1.61 4.50
CA ARG D 108 -2.35 -1.08 5.27
C ARG D 108 -1.86 -0.13 6.37
N THR D 109 -2.82 0.37 7.15
CA THR D 109 -2.49 1.29 8.22
C THR D 109 -1.87 0.54 9.40
N VAL D 110 -1.20 1.30 10.26
CA VAL D 110 -0.54 0.73 11.43
C VAL D 110 -1.58 0.11 12.36
N ALA D 111 -1.24 -1.07 12.89
CA ALA D 111 -2.12 -1.79 13.82
C ALA D 111 -1.26 -2.43 14.89
N ALA D 112 -1.55 -2.12 16.16
CA ALA D 112 -0.74 -2.63 17.25
C ALA D 112 -1.11 -4.08 17.55
N PRO D 113 -0.14 -4.89 17.97
CA PRO D 113 -0.46 -6.28 18.32
C PRO D 113 -1.18 -6.36 19.66
N SER D 114 -2.09 -7.33 19.74
CA SER D 114 -2.53 -7.84 21.03
C SER D 114 -1.55 -8.92 21.48
N VAL D 115 -1.10 -8.85 22.73
CA VAL D 115 -0.01 -9.69 23.21
C VAL D 115 -0.53 -10.66 24.26
N PHE D 116 -0.15 -11.93 24.14
CA PHE D 116 -0.52 -12.98 25.08
C PHE D 116 0.70 -13.83 25.42
N ILE D 117 0.76 -14.32 26.66
CA ILE D 117 1.85 -15.18 27.08
C ILE D 117 1.27 -16.49 27.61
N PHE D 118 1.98 -17.59 27.35
CA PHE D 118 1.52 -18.93 27.70
C PHE D 118 2.61 -19.66 28.48
N PRO D 119 2.36 -20.06 29.73
CA PRO D 119 3.32 -20.90 30.44
C PRO D 119 3.41 -22.27 29.78
N PRO D 120 4.47 -23.03 30.07
CA PRO D 120 4.51 -24.42 29.61
C PRO D 120 3.48 -25.27 30.33
N SER D 121 2.97 -26.27 29.61
CA SER D 121 2.00 -27.20 30.18
C SER D 121 2.67 -28.13 31.16
N ASP D 122 1.89 -28.63 32.12
CA ASP D 122 2.44 -29.58 33.07
C ASP D 122 2.88 -30.87 32.38
N GLU D 123 2.13 -31.30 31.35
CA GLU D 123 2.51 -32.52 30.64
C GLU D 123 3.85 -32.37 29.95
N GLN D 124 4.15 -31.19 29.39
CA GLN D 124 5.46 -31.00 28.78
C GLN D 124 6.55 -30.96 29.84
N LEU D 125 6.26 -30.34 30.99
CA LEU D 125 7.24 -30.35 32.07
C LEU D 125 7.59 -31.77 32.49
N LYS D 126 6.62 -32.68 32.45
CA LYS D 126 6.92 -34.10 32.71
C LYS D 126 8.06 -34.58 31.82
N SER D 127 8.11 -34.11 30.57
CA SER D 127 9.12 -34.53 29.61
C SER D 127 10.50 -33.98 29.91
N GLY D 128 10.62 -32.95 30.76
CA GLY D 128 11.90 -32.33 31.02
C GLY D 128 12.19 -31.06 30.25
N THR D 129 11.21 -30.50 29.54
CA THR D 129 11.39 -29.31 28.73
C THR D 129 10.26 -28.33 28.98
N ALA D 130 10.58 -27.05 28.94
CA ALA D 130 9.60 -25.98 29.12
C ALA D 130 9.61 -25.07 27.89
N SER D 131 8.50 -25.04 27.17
CA SER D 131 8.30 -24.08 26.09
C SER D 131 7.40 -22.98 26.63
N VAL D 132 7.87 -21.74 26.61
CA VAL D 132 7.07 -20.57 26.95
C VAL D 132 6.79 -19.80 25.66
N VAL D 133 5.52 -19.47 25.42
CA VAL D 133 5.08 -18.95 24.14
C VAL D 133 4.52 -17.55 24.34
N CYS D 134 5.01 -16.61 23.54
CA CYS D 134 4.48 -15.27 23.48
C CYS D 134 3.85 -15.06 22.12
N LEU D 135 2.60 -14.61 22.10
CA LEU D 135 1.83 -14.40 20.87
C LEU D 135 1.63 -12.91 20.65
N LEU D 136 1.92 -12.45 19.44
CA LEU D 136 1.57 -11.11 18.98
C LEU D 136 0.51 -11.27 17.89
N ASN D 137 -0.69 -10.77 18.14
CA ASN D 137 -1.82 -11.05 17.25
C ASN D 137 -2.22 -9.83 16.41
N ASN D 138 -2.27 -10.00 15.09
CA ASN D 138 -2.95 -9.12 14.15
C ASN D 138 -2.39 -7.68 14.21
N PHE D 139 -1.15 -7.55 13.76
CA PHE D 139 -0.46 -6.26 13.77
C PHE D 139 0.08 -5.92 12.39
N TYR D 140 0.44 -4.64 12.20
CA TYR D 140 1.03 -4.15 10.97
C TYR D 140 1.77 -2.86 11.31
N PRO D 141 2.99 -2.64 10.79
CA PRO D 141 3.76 -3.49 9.86
C PRO D 141 4.39 -4.72 10.52
N ARG D 142 5.08 -5.51 9.69
CA ARG D 142 5.58 -6.80 10.13
C ARG D 142 6.71 -6.66 11.14
N GLU D 143 7.45 -5.57 11.10
CA GLU D 143 8.60 -5.40 12.00
C GLU D 143 8.14 -5.30 13.44
N ALA D 144 8.70 -6.15 14.30
CA ALA D 144 8.40 -6.11 15.72
C ALA D 144 9.60 -6.66 16.48
N LYS D 145 9.82 -6.13 17.67
CA LYS D 145 10.87 -6.62 18.55
C LYS D 145 10.22 -7.31 19.74
N VAL D 146 10.61 -8.55 19.98
CA VAL D 146 10.08 -9.34 21.08
C VAL D 146 11.27 -9.79 21.92
N GLN D 147 11.29 -9.39 23.18
CA GLN D 147 12.39 -9.72 24.08
C GLN D 147 11.86 -10.49 25.27
N TRP D 148 12.58 -11.53 25.64
CA TRP D 148 12.28 -12.35 26.82
C TRP D 148 13.12 -11.88 28.00
N LYS D 149 12.48 -11.72 29.14
CA LYS D 149 13.19 -11.43 30.39
C LYS D 149 12.76 -12.45 31.41
N VAL D 150 13.75 -13.08 32.07
CA VAL D 150 13.52 -14.10 33.07
C VAL D 150 14.15 -13.58 34.36
N ASP D 151 13.32 -13.23 35.34
CA ASP D 151 13.75 -12.49 36.51
C ASP D 151 14.55 -11.26 36.10
N ASN D 152 14.00 -10.52 35.14
CA ASN D 152 14.53 -9.28 34.58
C ASN D 152 15.89 -9.44 33.91
N ALA D 153 16.35 -10.67 33.70
CA ALA D 153 17.55 -10.92 32.91
C ALA D 153 17.16 -11.09 31.46
N LEU D 154 17.69 -10.22 30.60
CA LEU D 154 17.35 -10.27 29.17
C LEU D 154 17.92 -11.53 28.54
N GLN D 155 17.07 -12.28 27.86
CA GLN D 155 17.45 -13.57 27.30
C GLN D 155 17.98 -13.39 25.87
N SER D 156 18.92 -14.27 25.50
CA SER D 156 19.44 -14.25 24.14
C SER D 156 19.81 -15.67 23.74
N GLY D 157 19.49 -16.01 22.49
CA GLY D 157 19.92 -17.27 21.90
C GLY D 157 19.05 -18.47 22.21
N ASN D 158 18.03 -18.32 23.05
CA ASN D 158 17.20 -19.45 23.45
C ASN D 158 15.74 -19.26 23.08
N SER D 159 15.47 -18.47 22.05
CA SER D 159 14.10 -18.31 21.57
C SER D 159 14.10 -18.34 20.04
N GLN D 160 12.94 -18.72 19.48
CA GLN D 160 12.73 -18.75 18.03
C GLN D 160 11.38 -18.13 17.72
N GLU D 161 11.30 -17.42 16.59
CA GLU D 161 10.09 -16.74 16.17
C GLU D 161 9.55 -17.36 14.89
N SER D 162 8.23 -17.32 14.73
CA SER D 162 7.58 -17.63 13.47
C SER D 162 6.54 -16.55 13.22
N VAL D 163 6.36 -16.17 11.95
CA VAL D 163 5.44 -15.11 11.56
C VAL D 163 4.51 -15.65 10.49
N THR D 164 3.21 -15.39 10.63
CA THR D 164 2.28 -15.82 9.60
C THR D 164 2.46 -15.01 8.32
N GLU D 165 1.95 -15.56 7.22
CA GLU D 165 1.84 -14.77 6.01
C GLU D 165 0.79 -13.69 6.19
N GLN D 166 0.90 -12.62 5.40
CA GLN D 166 -0.04 -11.51 5.54
C GLN D 166 -1.48 -11.99 5.33
N ASP D 167 -2.37 -11.59 6.25
CA ASP D 167 -3.75 -12.05 6.21
C ASP D 167 -4.48 -11.48 4.98
N SER D 168 -5.17 -12.36 4.25
CA SER D 168 -5.82 -11.98 3.00
C SER D 168 -7.05 -11.09 3.22
N LYS D 169 -7.56 -10.97 4.43
CA LYS D 169 -8.74 -10.14 4.69
C LYS D 169 -8.45 -8.85 5.44
N ASP D 170 -7.58 -8.87 6.47
CA ASP D 170 -7.27 -7.64 7.19
C ASP D 170 -5.82 -7.19 7.01
N SER D 171 -5.02 -7.89 6.20
CA SER D 171 -3.67 -7.46 5.85
C SER D 171 -2.75 -7.33 7.07
N THR D 172 -3.03 -8.04 8.16
CA THR D 172 -2.16 -8.04 9.33
C THR D 172 -1.26 -9.27 9.34
N TYR D 173 -0.32 -9.25 10.29
CA TYR D 173 0.56 -10.37 10.59
C TYR D 173 0.32 -10.81 12.03
N SER D 174 0.65 -12.06 12.31
CA SER D 174 0.78 -12.52 13.69
C SER D 174 2.13 -13.19 13.86
N LEU D 175 2.59 -13.24 15.10
CA LEU D 175 3.93 -13.72 15.40
C LEU D 175 3.90 -14.49 16.70
N SER D 176 4.64 -15.60 16.73
CA SER D 176 4.87 -16.37 17.94
C SER D 176 6.36 -16.34 18.27
N SER D 177 6.68 -16.16 19.53
CA SER D 177 8.05 -16.30 19.99
C SER D 177 8.03 -17.39 21.05
N THR D 178 8.87 -18.41 20.89
CA THR D 178 8.90 -19.53 21.80
C THR D 178 10.24 -19.55 22.51
N LEU D 179 10.21 -19.42 23.83
CA LEU D 179 11.39 -19.54 24.69
C LEU D 179 11.45 -20.96 25.22
N THR D 180 12.58 -21.63 24.98
CA THR D 180 12.73 -23.04 25.34
C THR D 180 13.83 -23.20 26.39
N LEU D 181 13.48 -23.85 27.49
CA LEU D 181 14.38 -24.09 28.60
C LEU D 181 14.22 -25.52 29.07
N SER D 182 15.30 -26.10 29.60
CA SER D 182 15.17 -27.33 30.35
C SER D 182 14.25 -27.10 31.54
N LYS D 183 13.64 -28.17 32.03
CA LYS D 183 12.79 -28.00 33.21
C LYS D 183 13.59 -27.53 34.41
N ALA D 184 14.84 -27.99 34.53
CA ALA D 184 15.68 -27.56 35.64
C ALA D 184 15.92 -26.05 35.60
N ASP D 185 16.35 -25.54 34.45
CA ASP D 185 16.51 -24.10 34.30
C ASP D 185 15.20 -23.36 34.52
N TYR D 186 14.10 -23.90 33.99
CA TYR D 186 12.80 -23.26 34.16
C TYR D 186 12.45 -23.09 35.64
N GLU D 187 12.73 -24.11 36.44
CA GLU D 187 12.36 -24.04 37.86
C GLU D 187 13.31 -23.19 38.68
N LYS D 188 14.47 -22.79 38.13
CA LYS D 188 15.37 -21.91 38.86
C LYS D 188 14.88 -20.47 38.92
N HIS D 189 13.81 -20.12 38.19
CA HIS D 189 13.39 -18.73 38.09
C HIS D 189 11.88 -18.63 38.29
N LYS D 190 11.43 -17.39 38.57
CA LYS D 190 10.06 -17.13 38.95
C LYS D 190 9.27 -16.33 37.91
N VAL D 191 9.78 -15.18 37.48
CA VAL D 191 9.02 -14.27 36.62
C VAL D 191 9.46 -14.45 35.17
N TYR D 192 8.51 -14.78 34.31
CA TYR D 192 8.75 -14.95 32.89
C TYR D 192 7.96 -13.88 32.15
N ALA D 193 8.66 -13.08 31.35
CA ALA D 193 8.08 -11.88 30.77
C ALA D 193 8.44 -11.77 29.30
N CYS D 194 7.45 -11.41 28.49
CA CYS D 194 7.62 -11.10 27.08
C CYS D 194 7.41 -9.60 26.90
N GLU D 195 8.41 -8.93 26.34
CA GLU D 195 8.36 -7.48 26.12
C GLU D 195 8.32 -7.20 24.63
N VAL D 196 7.28 -6.48 24.19
CA VAL D 196 6.98 -6.28 22.77
C VAL D 196 7.13 -4.81 22.43
N THR D 197 7.95 -4.52 21.42
CA THR D 197 8.10 -3.19 20.86
C THR D 197 7.57 -3.18 19.44
N HIS D 198 6.72 -2.21 19.13
CA HIS D 198 6.09 -2.15 17.81
C HIS D 198 5.66 -0.73 17.53
N GLN D 199 5.66 -0.37 16.24
CA GLN D 199 5.36 0.99 15.82
C GLN D 199 3.97 1.43 16.28
N GLY D 200 3.06 0.48 16.47
CA GLY D 200 1.71 0.78 16.92
C GLY D 200 1.54 0.97 18.41
N LEU D 201 2.59 0.77 19.19
CA LEU D 201 2.53 0.85 20.64
C LEU D 201 3.27 2.09 21.13
N SER D 202 2.61 2.87 21.99
CA SER D 202 3.23 4.06 22.56
C SER D 202 4.53 3.72 23.28
N SER D 203 4.48 2.71 24.14
CA SER D 203 5.61 2.21 24.89
C SER D 203 5.58 0.70 24.81
N PRO D 204 6.70 0.03 25.09
CA PRO D 204 6.71 -1.44 25.06
C PRO D 204 5.64 -2.02 25.97
N VAL D 205 5.04 -3.13 25.51
CA VAL D 205 4.04 -3.87 26.27
C VAL D 205 4.70 -5.13 26.82
N THR D 206 4.57 -5.37 28.12
CA THR D 206 5.10 -6.58 28.73
C THR D 206 3.95 -7.44 29.23
N LYS D 207 3.96 -8.71 28.85
CA LYS D 207 3.09 -9.73 29.41
C LYS D 207 3.95 -10.71 30.19
N SER D 208 3.55 -11.03 31.41
CA SER D 208 4.38 -11.90 32.23
C SER D 208 3.49 -12.78 33.10
N PHE D 209 4.11 -13.82 33.66
CA PHE D 209 3.50 -14.63 34.68
C PHE D 209 4.57 -15.03 35.69
N ASN D 210 4.10 -15.47 36.87
CA ASN D 210 4.97 -16.01 37.90
C ASN D 210 4.86 -17.53 37.90
N ARG D 211 5.99 -18.21 37.84
CA ARG D 211 5.99 -19.67 37.74
C ARG D 211 5.36 -20.28 38.98
N GLY D 212 4.35 -21.11 38.76
CA GLY D 212 3.64 -21.77 39.84
C GLY D 212 2.30 -21.12 40.15
N GLU D 213 2.32 -19.79 40.32
CA GLU D 213 1.11 -19.05 40.63
C GLU D 213 0.15 -19.06 39.43
N CYS D 214 -1.09 -18.67 39.69
CA CYS D 214 -2.09 -18.62 38.63
C CYS D 214 -2.82 -17.28 38.61
#